data_5UFI
#
_entry.id   5UFI
#
_cell.length_a   62.142
_cell.length_b   101.647
_cell.length_c   173.521
_cell.angle_alpha   90.000
_cell.angle_beta   90.000
_cell.angle_gamma   90.000
#
_symmetry.space_group_name_H-M   'P 21 21 21'
#
loop_
_entity.id
_entity.type
_entity.pdbx_description
1 polymer 'DCN1-like protein 1'
2 non-polymer N-[(1S)-1-cyclohexyl-2-{[3-(morpholin-4-yl)propanoyl]amino}ethyl]-N~2~-propanoyl-3-[6-(propan-2-yl)-1,3-benzothiazol-2-yl]-L-alaninamide
3 water water
#
_entity_poly.entity_id   1
_entity_poly.type   'polypeptide(L)'
_entity_poly.pdbx_seq_one_letter_code
;MSYYHHHHHHLESTSLYKKAGTMGSLDRKKLEQLYNRYKDPQDENKIGIDGIQQFCDDLALDPASISVLIIAWKFRAATQ
CEFSKQEFMDGMTELGCDSIEKLKAQIPKMEQELKEPGRFKDFYQFTFNFAKNPGQKGLDLEMAIAYWNLVLNGRFKFLD
LWNKFLLEHHKRSIPKDTWNLLLDFSTMIADDMSNYDEEGAWPVLIDDFVEFARPQIAGTKSTTV
;
_entity_poly.pdbx_strand_id   A,B,C,D
#
# COMPACT_ATOMS: atom_id res chain seq x y z
N LEU A 26 43.00 14.98 -26.11
CA LEU A 26 41.70 15.20 -26.72
C LEU A 26 41.68 16.52 -27.50
N ASP A 27 41.30 16.44 -28.79
CA ASP A 27 41.18 17.60 -29.68
C ASP A 27 39.81 18.25 -29.43
N ARG A 28 39.82 19.40 -28.72
CA ARG A 28 38.64 20.18 -28.34
C ARG A 28 37.90 20.69 -29.58
N LYS A 29 38.67 21.11 -30.61
CA LYS A 29 38.17 21.61 -31.88
C LYS A 29 37.35 20.52 -32.58
N LYS A 30 37.86 19.28 -32.55
CA LYS A 30 37.24 18.08 -33.14
C LYS A 30 35.92 17.76 -32.41
N LEU A 31 35.90 17.95 -31.06
CA LEU A 31 34.74 17.70 -30.20
C LEU A 31 33.67 18.80 -30.35
N GLU A 32 34.09 20.06 -30.53
CA GLU A 32 33.18 21.19 -30.75
C GLU A 32 32.43 21.08 -32.10
N GLN A 33 33.10 20.55 -33.14
CA GLN A 33 32.49 20.37 -34.44
C GLN A 33 31.57 19.17 -34.43
N LEU A 34 31.91 18.14 -33.64
CA LEU A 34 31.09 16.93 -33.49
C LEU A 34 29.79 17.30 -32.78
N TYR A 35 29.86 18.16 -31.74
CA TYR A 35 28.70 18.70 -31.05
C TYR A 35 27.77 19.45 -32.05
N ASN A 36 28.37 20.21 -33.00
CA ASN A 36 27.66 21.00 -34.02
C ASN A 36 26.76 20.14 -34.92
N ARG A 37 27.08 18.85 -35.04
CA ARG A 37 26.35 17.85 -35.80
C ARG A 37 25.02 17.50 -35.11
N TYR A 38 24.97 17.61 -33.78
CA TYR A 38 23.80 17.23 -32.98
C TYR A 38 22.98 18.40 -32.44
N LYS A 39 23.60 19.56 -32.22
CA LYS A 39 22.93 20.71 -31.63
C LYS A 39 21.66 21.10 -32.38
N ASP A 40 20.68 21.57 -31.60
CA ASP A 40 19.38 22.05 -32.06
C ASP A 40 19.61 23.26 -32.99
N PRO A 41 19.00 23.29 -34.21
CA PRO A 41 19.20 24.46 -35.10
C PRO A 41 18.62 25.77 -34.54
N GLN A 42 17.76 25.66 -33.50
CA GLN A 42 17.12 26.82 -32.88
C GLN A 42 17.74 27.18 -31.51
N ASP A 43 18.60 26.32 -30.95
CA ASP A 43 19.24 26.57 -29.65
C ASP A 43 20.62 25.91 -29.59
N GLU A 44 21.66 26.75 -29.66
CA GLU A 44 23.08 26.38 -29.60
C GLU A 44 23.44 25.57 -28.36
N ASN A 45 22.81 25.84 -27.19
CA ASN A 45 23.14 25.22 -25.91
C ASN A 45 22.39 23.92 -25.62
N LYS A 46 21.71 23.35 -26.63
CA LYS A 46 20.93 22.13 -26.46
C LYS A 46 21.02 21.23 -27.68
N ILE A 47 20.87 19.91 -27.44
CA ILE A 47 20.75 18.88 -28.46
C ILE A 47 19.27 18.50 -28.50
N GLY A 48 18.62 18.68 -29.66
CA GLY A 48 17.21 18.37 -29.89
C GLY A 48 16.95 16.89 -30.12
N ILE A 49 15.67 16.55 -30.31
CA ILE A 49 15.19 15.17 -30.54
C ILE A 49 15.90 14.54 -31.75
N ASP A 50 16.05 15.33 -32.85
CA ASP A 50 16.71 14.88 -34.08
C ASP A 50 18.21 14.59 -33.84
N GLY A 51 18.85 15.44 -33.00
CA GLY A 51 20.24 15.33 -32.60
C GLY A 51 20.48 14.13 -31.69
N ILE A 52 19.47 13.78 -30.86
CA ILE A 52 19.51 12.62 -29.96
C ILE A 52 19.39 11.37 -30.83
N GLN A 53 18.46 11.41 -31.82
CA GLN A 53 18.24 10.31 -32.76
C GLN A 53 19.51 10.09 -33.59
N GLN A 54 20.13 11.20 -34.08
CA GLN A 54 21.34 11.13 -34.90
C GLN A 54 22.48 10.48 -34.14
N PHE A 55 22.74 10.95 -32.92
CA PHE A 55 23.77 10.45 -32.02
C PHE A 55 23.62 8.91 -31.82
N CYS A 56 22.37 8.39 -31.70
CA CYS A 56 22.08 6.95 -31.55
C CYS A 56 22.44 6.22 -32.84
N ASP A 57 22.00 6.77 -33.98
CA ASP A 57 22.29 6.23 -35.31
C ASP A 57 23.81 6.14 -35.55
N ASP A 58 24.58 7.21 -35.17
CA ASP A 58 26.03 7.26 -35.33
C ASP A 58 26.69 6.23 -34.43
N LEU A 59 26.09 5.96 -33.28
CA LEU A 59 26.56 4.94 -32.34
C LEU A 59 26.08 3.53 -32.75
N ALA A 60 25.25 3.43 -33.83
CA ALA A 60 24.65 2.18 -34.35
C ALA A 60 23.77 1.52 -33.26
N LEU A 61 22.95 2.36 -32.62
CA LEU A 61 22.07 1.97 -31.53
C LEU A 61 20.61 2.29 -31.81
N ASP A 62 19.73 1.32 -31.52
CA ASP A 62 18.28 1.56 -31.57
C ASP A 62 17.95 2.50 -30.39
N PRO A 63 17.09 3.53 -30.56
CA PRO A 63 16.79 4.44 -29.43
C PRO A 63 16.07 3.80 -28.22
N ALA A 64 15.58 2.54 -28.34
CA ALA A 64 14.87 1.85 -27.24
C ALA A 64 15.77 0.78 -26.57
N SER A 65 17.06 0.76 -26.94
CA SER A 65 18.10 -0.10 -26.39
C SER A 65 18.50 0.37 -25.00
N ILE A 66 18.87 -0.58 -24.12
CA ILE A 66 19.34 -0.29 -22.76
C ILE A 66 20.69 0.51 -22.86
N SER A 67 21.49 0.29 -23.94
CA SER A 67 22.74 1.00 -24.26
C SER A 67 22.54 2.53 -24.35
N VAL A 68 21.38 3.01 -24.84
CA VAL A 68 21.05 4.46 -24.91
C VAL A 68 20.88 4.97 -23.47
N LEU A 69 20.25 4.18 -22.58
CA LEU A 69 20.02 4.53 -21.17
C LEU A 69 21.36 4.50 -20.40
N ILE A 70 22.23 3.55 -20.77
CA ILE A 70 23.57 3.40 -20.21
C ILE A 70 24.40 4.63 -20.59
N ILE A 71 24.30 5.12 -21.84
CA ILE A 71 25.02 6.32 -22.25
C ILE A 71 24.48 7.55 -21.45
N ALA A 72 23.15 7.68 -21.30
CA ALA A 72 22.51 8.74 -20.53
C ALA A 72 23.03 8.75 -19.10
N TRP A 73 23.28 7.53 -18.57
CA TRP A 73 23.81 7.30 -17.22
C TRP A 73 25.25 7.79 -17.12
N LYS A 74 26.12 7.43 -18.10
CA LYS A 74 27.51 7.88 -18.10
C LYS A 74 27.62 9.39 -18.32
N PHE A 75 26.78 9.96 -19.19
CA PHE A 75 26.75 11.39 -19.42
C PHE A 75 26.00 12.13 -18.29
N ARG A 76 25.40 11.37 -17.33
CA ARG A 76 24.60 11.83 -16.19
C ARG A 76 23.54 12.88 -16.63
N ALA A 77 22.76 12.57 -17.71
CA ALA A 77 21.71 13.43 -18.27
C ALA A 77 20.61 13.67 -17.23
N ALA A 78 20.16 14.93 -17.09
CA ALA A 78 19.15 15.31 -16.09
C ALA A 78 17.81 14.56 -16.31
N THR A 79 17.21 14.69 -17.50
CA THR A 79 15.95 14.02 -17.81
C THR A 79 15.88 13.59 -19.26
N GLN A 80 15.00 12.62 -19.52
CA GLN A 80 14.73 12.01 -20.81
C GLN A 80 14.19 13.03 -21.80
N CYS A 81 14.55 12.80 -23.08
CA CYS A 81 14.20 13.57 -24.27
C CYS A 81 14.87 14.95 -24.19
N GLU A 82 15.90 15.06 -23.33
CA GLU A 82 16.69 16.27 -23.10
C GLU A 82 18.18 15.93 -22.94
N PHE A 83 19.04 16.78 -23.55
CA PHE A 83 20.50 16.65 -23.59
C PHE A 83 21.10 18.03 -23.86
N SER A 84 21.82 18.62 -22.88
CA SER A 84 22.41 19.96 -23.02
C SER A 84 23.84 19.93 -23.59
N LYS A 85 24.40 21.12 -23.89
CA LYS A 85 25.79 21.28 -24.33
C LYS A 85 26.74 20.84 -23.22
N GLN A 86 26.51 21.34 -21.98
CA GLN A 86 27.30 21.00 -20.78
C GLN A 86 27.41 19.45 -20.63
N GLU A 87 26.27 18.72 -20.61
CA GLU A 87 26.22 17.27 -20.47
C GLU A 87 27.05 16.57 -21.56
N PHE A 88 26.86 16.94 -22.85
CA PHE A 88 27.60 16.38 -23.98
C PHE A 88 29.11 16.68 -23.88
N MET A 89 29.49 17.94 -23.64
CA MET A 89 30.88 18.34 -23.61
C MET A 89 31.60 17.73 -22.40
N ASP A 90 31.00 17.78 -21.19
CA ASP A 90 31.58 17.24 -19.95
C ASP A 90 31.65 15.73 -20.00
N GLY A 91 30.63 15.10 -20.58
CA GLY A 91 30.53 13.66 -20.75
C GLY A 91 31.65 13.11 -21.60
N MET A 92 31.80 13.66 -22.82
CA MET A 92 32.82 13.26 -23.79
C MET A 92 34.25 13.57 -23.29
N THR A 93 34.42 14.65 -22.51
CA THR A 93 35.72 15.05 -21.99
C THR A 93 36.18 14.06 -20.93
N GLU A 94 35.33 13.74 -19.93
CA GLU A 94 35.69 12.80 -18.87
C GLU A 94 35.97 11.40 -19.44
N LEU A 95 35.27 11.00 -20.53
CA LEU A 95 35.47 9.72 -21.20
C LEU A 95 36.68 9.75 -22.13
N GLY A 96 37.16 10.96 -22.47
CA GLY A 96 38.30 11.17 -23.36
C GLY A 96 38.04 10.85 -24.82
N CYS A 97 36.82 11.17 -25.30
CA CYS A 97 36.37 10.93 -26.67
C CYS A 97 36.14 12.23 -27.37
N ASP A 98 36.75 12.41 -28.54
CA ASP A 98 36.55 13.58 -29.41
C ASP A 98 35.88 13.12 -30.71
N SER A 99 35.46 11.84 -30.73
CA SER A 99 34.83 11.19 -31.88
C SER A 99 33.80 10.13 -31.44
N ILE A 100 32.92 9.76 -32.36
CA ILE A 100 31.91 8.74 -32.17
C ILE A 100 32.55 7.35 -32.04
N GLU A 101 33.57 7.05 -32.89
CA GLU A 101 34.20 5.72 -32.86
C GLU A 101 34.89 5.46 -31.51
N LYS A 102 35.47 6.52 -30.88
CA LYS A 102 36.08 6.42 -29.55
C LYS A 102 35.00 6.09 -28.48
N LEU A 103 33.82 6.72 -28.61
CA LEU A 103 32.68 6.53 -27.72
C LEU A 103 32.06 5.13 -27.90
N LYS A 104 31.94 4.65 -29.15
CA LYS A 104 31.38 3.32 -29.42
C LYS A 104 32.31 2.23 -28.79
N ALA A 105 33.62 2.49 -28.74
CA ALA A 105 34.61 1.59 -28.15
C ALA A 105 34.44 1.48 -26.62
N GLN A 106 33.76 2.45 -26.03
CA GLN A 106 33.51 2.57 -24.59
C GLN A 106 32.29 1.82 -24.14
N ILE A 107 31.29 1.64 -25.05
CA ILE A 107 30.02 0.98 -24.74
C ILE A 107 30.28 -0.42 -24.12
N PRO A 108 31.11 -1.36 -24.66
CA PRO A 108 31.34 -2.65 -23.95
C PRO A 108 31.96 -2.51 -22.54
N LYS A 109 32.70 -1.42 -22.29
CA LYS A 109 33.33 -1.11 -20.99
C LYS A 109 32.27 -0.64 -19.98
N MET A 110 31.20 0.05 -20.45
CA MET A 110 30.09 0.52 -19.61
C MET A 110 29.22 -0.65 -19.20
N GLU A 111 28.99 -1.60 -20.14
CA GLU A 111 28.20 -2.83 -19.94
C GLU A 111 28.87 -3.77 -18.94
N GLN A 112 30.20 -3.85 -19.01
CA GLN A 112 31.03 -4.65 -18.12
C GLN A 112 30.99 -4.09 -16.69
N GLU A 113 31.07 -2.75 -16.56
CA GLU A 113 31.02 -2.02 -15.29
C GLU A 113 29.67 -2.28 -14.56
N LEU A 114 28.57 -2.53 -15.31
CA LEU A 114 27.25 -2.80 -14.73
C LEU A 114 27.09 -4.26 -14.28
N LYS A 115 28.13 -5.10 -14.43
CA LYS A 115 28.11 -6.49 -13.94
C LYS A 115 28.32 -6.45 -12.41
N GLU A 116 28.93 -5.34 -11.93
CA GLU A 116 29.16 -5.00 -10.54
C GLU A 116 27.86 -4.53 -9.90
N PRO A 117 27.30 -5.21 -8.86
CA PRO A 117 26.13 -4.63 -8.16
C PRO A 117 26.58 -3.29 -7.55
N GLY A 118 25.73 -2.29 -7.40
CA GLY A 118 26.31 -1.06 -6.87
C GLY A 118 26.59 -0.12 -8.00
N ARG A 119 27.27 -0.60 -9.06
CA ARG A 119 27.36 0.21 -10.28
C ARG A 119 25.99 0.11 -10.94
N PHE A 120 25.42 -1.11 -10.95
CA PHE A 120 24.06 -1.36 -11.42
C PHE A 120 23.04 -0.64 -10.49
N LYS A 121 23.27 -0.61 -9.14
CA LYS A 121 22.35 0.08 -8.20
C LYS A 121 22.31 1.59 -8.53
N ASP A 122 23.48 2.19 -8.81
CA ASP A 122 23.64 3.60 -9.20
C ASP A 122 22.84 3.87 -10.48
N PHE A 123 23.07 3.03 -11.54
CA PHE A 123 22.39 3.09 -12.83
C PHE A 123 20.87 2.93 -12.69
N TYR A 124 20.43 1.93 -11.91
CA TYR A 124 19.02 1.64 -11.64
C TYR A 124 18.31 2.84 -10.97
N GLN A 125 18.96 3.42 -9.95
CA GLN A 125 18.41 4.55 -9.20
C GLN A 125 18.42 5.83 -10.05
N PHE A 126 19.47 6.04 -10.89
CA PHE A 126 19.58 7.16 -11.83
C PHE A 126 18.39 7.15 -12.80
N THR A 127 17.93 5.95 -13.21
CA THR A 127 16.82 5.73 -14.15
C THR A 127 15.53 6.38 -13.64
N PHE A 128 15.28 6.37 -12.31
CA PHE A 128 14.09 7.01 -11.71
C PHE A 128 14.09 8.52 -11.99
N ASN A 129 15.20 9.20 -11.63
CA ASN A 129 15.40 10.64 -11.75
C ASN A 129 15.44 11.12 -13.20
N PHE A 130 15.93 10.27 -14.12
CA PHE A 130 16.05 10.55 -15.53
C PHE A 130 14.66 10.48 -16.21
N ALA A 131 13.83 9.50 -15.79
CA ALA A 131 12.51 9.22 -16.35
C ALA A 131 11.40 10.14 -15.86
N LYS A 132 11.41 10.54 -14.59
CA LYS A 132 10.36 11.38 -14.02
C LYS A 132 10.37 12.80 -14.62
N ASN A 133 9.23 13.52 -14.45
CA ASN A 133 9.13 14.89 -14.91
C ASN A 133 9.90 15.80 -13.96
N PRO A 134 10.68 16.77 -14.49
CA PRO A 134 11.38 17.70 -13.59
C PRO A 134 10.35 18.51 -12.79
N GLY A 135 10.59 18.66 -11.50
CA GLY A 135 9.67 19.37 -10.61
C GLY A 135 8.78 18.44 -9.80
N GLN A 136 8.43 17.26 -10.38
CA GLN A 136 7.61 16.23 -9.74
C GLN A 136 8.49 15.33 -8.89
N LYS A 137 8.01 14.93 -7.69
CA LYS A 137 8.76 14.09 -6.74
C LYS A 137 8.70 12.60 -7.07
N GLY A 138 7.64 12.18 -7.77
CA GLY A 138 7.42 10.78 -8.14
C GLY A 138 7.37 10.54 -9.65
N LEU A 139 7.36 9.25 -10.03
CA LEU A 139 7.33 8.77 -11.41
C LEU A 139 5.95 8.14 -11.72
N ASP A 140 5.30 8.54 -12.86
CA ASP A 140 4.00 8.00 -13.25
C ASP A 140 4.10 6.49 -13.47
N LEU A 141 3.06 5.77 -13.03
CA LEU A 141 3.00 4.32 -13.09
C LEU A 141 3.45 3.68 -14.42
N GLU A 142 2.80 4.03 -15.53
CA GLU A 142 3.09 3.35 -16.78
C GLU A 142 4.45 3.75 -17.32
N MET A 143 5.01 4.88 -16.83
CA MET A 143 6.35 5.33 -17.20
C MET A 143 7.38 4.47 -16.44
N ALA A 144 7.07 4.15 -15.16
CA ALA A 144 7.90 3.32 -14.30
C ALA A 144 7.91 1.87 -14.80
N ILE A 145 6.76 1.38 -15.27
CA ILE A 145 6.62 0.03 -15.82
C ILE A 145 7.50 -0.09 -17.09
N ALA A 146 7.46 0.90 -17.98
CA ALA A 146 8.26 0.90 -19.20
C ALA A 146 9.74 0.71 -18.90
N TYR A 147 10.27 1.51 -17.96
CA TYR A 147 11.67 1.48 -17.55
C TYR A 147 12.00 0.23 -16.73
N TRP A 148 11.05 -0.25 -15.90
CA TRP A 148 11.25 -1.49 -15.16
C TRP A 148 11.41 -2.66 -16.14
N ASN A 149 10.59 -2.69 -17.21
CA ASN A 149 10.64 -3.72 -18.26
C ASN A 149 11.99 -3.76 -18.95
N LEU A 150 12.63 -2.60 -19.07
CA LEU A 150 13.93 -2.44 -19.69
C LEU A 150 15.08 -2.78 -18.73
N VAL A 151 15.14 -2.12 -17.53
CA VAL A 151 16.28 -2.27 -16.61
C VAL A 151 16.19 -3.52 -15.71
N LEU A 152 14.97 -3.98 -15.36
CA LEU A 152 14.84 -5.17 -14.53
C LEU A 152 14.53 -6.42 -15.39
N ASN A 153 14.79 -6.33 -16.70
CA ASN A 153 14.64 -7.42 -17.66
C ASN A 153 15.62 -8.55 -17.31
N GLY A 154 15.07 -9.71 -16.99
CA GLY A 154 15.84 -10.91 -16.63
C GLY A 154 16.51 -10.83 -15.28
N ARG A 155 16.09 -9.89 -14.41
CA ARG A 155 16.71 -9.83 -13.10
CA ARG A 155 16.69 -9.61 -13.11
C ARG A 155 15.68 -9.62 -11.96
N PHE A 156 14.39 -9.85 -12.26
CA PHE A 156 13.28 -9.82 -11.29
C PHE A 156 12.19 -10.80 -11.74
N LYS A 157 12.20 -11.98 -11.07
CA LYS A 157 11.29 -13.11 -11.29
C LYS A 157 9.82 -12.71 -11.26
N PHE A 158 9.47 -11.81 -10.33
CA PHE A 158 8.09 -11.40 -10.06
C PHE A 158 7.65 -10.14 -10.81
N LEU A 159 8.41 -9.71 -11.84
CA LEU A 159 8.08 -8.53 -12.63
C LEU A 159 6.67 -8.60 -13.24
N ASP A 160 6.26 -9.74 -13.81
CA ASP A 160 4.93 -9.94 -14.41
C ASP A 160 3.83 -9.65 -13.39
N LEU A 161 3.89 -10.31 -12.21
CA LEU A 161 2.96 -10.11 -11.11
C LEU A 161 2.97 -8.67 -10.55
N TRP A 162 4.18 -8.06 -10.50
CA TRP A 162 4.43 -6.70 -10.01
C TRP A 162 3.68 -5.66 -10.86
N ASN A 163 3.82 -5.71 -12.20
CA ASN A 163 3.14 -4.79 -13.12
C ASN A 163 1.61 -4.98 -13.03
N LYS A 164 1.18 -6.26 -13.06
CA LYS A 164 -0.21 -6.71 -12.92
C LYS A 164 -0.82 -6.08 -11.65
N PHE A 165 -0.16 -6.30 -10.48
CA PHE A 165 -0.56 -5.77 -9.18
C PHE A 165 -0.73 -4.25 -9.22
N LEU A 166 0.22 -3.53 -9.83
CA LEU A 166 0.22 -2.07 -9.89
C LEU A 166 -0.87 -1.52 -10.80
N LEU A 167 -1.01 -2.09 -12.02
CA LEU A 167 -2.04 -1.71 -12.97
C LEU A 167 -3.44 -2.05 -12.45
N GLU A 168 -3.56 -3.09 -11.61
CA GLU A 168 -4.82 -3.58 -11.04
C GLU A 168 -5.28 -2.78 -9.84
N HIS A 169 -4.35 -2.40 -8.96
CA HIS A 169 -4.63 -1.66 -7.73
C HIS A 169 -4.38 -0.17 -7.95
N HIS A 170 -4.49 0.25 -9.22
CA HIS A 170 -4.40 1.59 -9.82
C HIS A 170 -3.50 2.62 -9.07
N LYS A 171 -2.28 2.23 -8.63
CA LYS A 171 -1.35 3.16 -7.98
C LYS A 171 -0.90 4.19 -9.05
N ARG A 172 -1.31 5.47 -8.92
CA ARG A 172 -1.04 6.52 -9.91
C ARG A 172 0.45 6.80 -10.13
N SER A 173 1.23 6.98 -9.05
CA SER A 173 2.67 7.26 -9.17
C SER A 173 3.49 6.49 -8.16
N ILE A 174 4.76 6.22 -8.53
CA ILE A 174 5.74 5.47 -7.76
C ILE A 174 6.70 6.42 -7.01
N PRO A 175 6.81 6.29 -5.67
CA PRO A 175 7.76 7.15 -4.92
C PRO A 175 9.16 6.60 -5.00
N LYS A 176 10.15 7.49 -4.98
CA LYS A 176 11.58 7.20 -5.09
C LYS A 176 12.03 5.99 -4.27
N ASP A 177 11.62 5.89 -2.98
CA ASP A 177 12.05 4.82 -2.08
C ASP A 177 11.47 3.48 -2.48
N THR A 178 10.24 3.45 -3.03
CA THR A 178 9.59 2.22 -3.47
C THR A 178 10.33 1.68 -4.72
N TRP A 179 10.70 2.58 -5.65
CA TRP A 179 11.45 2.23 -6.84
C TRP A 179 12.79 1.67 -6.40
N ASN A 180 13.50 2.40 -5.53
CA ASN A 180 14.82 2.06 -5.03
C ASN A 180 14.88 0.71 -4.30
N LEU A 181 13.90 0.44 -3.41
CA LEU A 181 13.85 -0.78 -2.61
C LEU A 181 13.34 -1.98 -3.42
N LEU A 182 12.82 -1.73 -4.65
CA LEU A 182 12.39 -2.84 -5.51
C LEU A 182 13.64 -3.63 -5.99
N LEU A 183 14.81 -2.94 -6.15
CA LEU A 183 16.04 -3.60 -6.52
C LEU A 183 16.49 -4.51 -5.37
N ASP A 184 16.45 -4.00 -4.11
CA ASP A 184 16.80 -4.76 -2.91
C ASP A 184 15.89 -5.98 -2.78
N PHE A 185 14.58 -5.82 -3.06
CA PHE A 185 13.58 -6.89 -3.06
C PHE A 185 13.95 -7.95 -4.11
N SER A 186 14.17 -7.52 -5.37
CA SER A 186 14.52 -8.39 -6.50
C SER A 186 15.82 -9.21 -6.29
N THR A 187 16.83 -8.67 -5.58
CA THR A 187 18.11 -9.37 -5.37
C THR A 187 18.06 -10.28 -4.14
N MET A 188 17.15 -10.01 -3.19
CA MET A 188 17.05 -10.77 -1.93
C MET A 188 15.95 -11.83 -1.94
N ILE A 189 14.84 -11.62 -2.65
CA ILE A 189 13.70 -12.53 -2.65
C ILE A 189 13.99 -13.88 -3.33
N ALA A 190 13.37 -14.93 -2.75
CA ALA A 190 13.40 -16.33 -3.17
C ALA A 190 12.24 -16.58 -4.15
N ASP A 191 12.29 -17.72 -4.88
CA ASP A 191 11.25 -18.12 -5.85
C ASP A 191 9.88 -18.38 -5.18
N ASP A 192 9.88 -18.76 -3.89
CA ASP A 192 8.66 -19.05 -3.12
C ASP A 192 8.32 -17.92 -2.14
N MET A 193 9.14 -16.85 -2.12
CA MET A 193 9.01 -15.68 -1.23
C MET A 193 9.11 -16.08 0.26
N SER A 194 9.64 -17.28 0.56
CA SER A 194 9.78 -17.84 1.90
C SER A 194 10.72 -17.02 2.80
N ASN A 195 11.77 -16.40 2.22
CA ASN A 195 12.76 -15.62 2.98
C ASN A 195 12.33 -14.13 3.18
N TYR A 196 11.09 -13.76 2.80
CA TYR A 196 10.60 -12.38 2.99
C TYR A 196 10.28 -12.16 4.47
N ASP A 197 10.74 -11.00 5.02
CA ASP A 197 10.52 -10.57 6.40
C ASP A 197 9.52 -9.39 6.42
N GLU A 198 8.37 -9.61 7.13
CA GLU A 198 7.31 -8.59 7.28
C GLU A 198 7.84 -7.37 8.04
N GLU A 199 8.57 -7.62 9.15
CA GLU A 199 9.16 -6.60 10.03
C GLU A 199 10.33 -5.80 9.36
N GLY A 200 10.71 -6.19 8.12
CA GLY A 200 11.76 -5.52 7.36
C GLY A 200 11.33 -4.15 6.90
N ALA A 201 12.31 -3.26 6.59
CA ALA A 201 12.05 -1.89 6.14
C ALA A 201 11.57 -1.83 4.69
N TRP A 202 10.45 -2.54 4.37
CA TRP A 202 9.85 -2.56 3.03
C TRP A 202 8.71 -1.55 2.91
N PRO A 203 8.63 -0.78 1.79
CA PRO A 203 7.49 0.14 1.62
C PRO A 203 6.16 -0.63 1.51
N VAL A 204 5.04 0.02 1.87
CA VAL A 204 3.69 -0.59 1.87
C VAL A 204 3.39 -1.25 0.52
N LEU A 205 3.85 -0.67 -0.58
CA LEU A 205 3.62 -1.22 -1.91
C LEU A 205 4.28 -2.60 -2.11
N ILE A 206 5.52 -2.78 -1.62
CA ILE A 206 6.24 -4.03 -1.78
C ILE A 206 5.67 -5.04 -0.80
N ASP A 207 5.27 -4.57 0.37
CA ASP A 207 4.67 -5.36 1.43
C ASP A 207 3.28 -5.87 1.01
N ASP A 208 2.44 -5.00 0.41
CA ASP A 208 1.11 -5.34 -0.13
C ASP A 208 1.25 -6.31 -1.32
N PHE A 209 2.28 -6.10 -2.15
CA PHE A 209 2.57 -6.97 -3.29
C PHE A 209 2.86 -8.39 -2.81
N VAL A 210 3.61 -8.57 -1.71
CA VAL A 210 3.91 -9.89 -1.14
C VAL A 210 2.60 -10.57 -0.69
N GLU A 211 1.64 -9.81 -0.09
CA GLU A 211 0.34 -10.31 0.34
C GLU A 211 -0.48 -10.78 -0.88
N PHE A 212 -0.47 -10.00 -1.97
CA PHE A 212 -1.18 -10.28 -3.24
C PHE A 212 -0.54 -11.47 -4.01
N ALA A 213 0.79 -11.51 -4.09
CA ALA A 213 1.54 -12.50 -4.86
C ALA A 213 1.70 -13.88 -4.19
N ARG A 214 1.89 -13.96 -2.85
CA ARG A 214 2.08 -15.25 -2.17
C ARG A 214 1.05 -16.35 -2.58
N PRO A 215 -0.30 -16.10 -2.63
CA PRO A 215 -1.22 -17.17 -3.06
C PRO A 215 -1.02 -17.60 -4.52
N GLN A 216 -0.47 -16.71 -5.34
CA GLN A 216 -0.26 -16.95 -6.76
C GLN A 216 1.10 -17.64 -7.08
N ILE A 217 1.90 -18.02 -6.06
CA ILE A 217 3.18 -18.75 -6.21
C ILE A 217 3.35 -19.76 -5.08
N SER B 25 7.51 2.10 57.19
CA SER B 25 7.39 0.72 57.67
C SER B 25 6.25 -0.01 56.94
N LEU B 26 6.55 -1.16 56.27
CA LEU B 26 5.51 -1.94 55.58
C LEU B 26 5.48 -3.42 56.09
N ASP B 27 4.28 -3.90 56.42
CA ASP B 27 4.03 -5.25 56.93
C ASP B 27 4.04 -6.24 55.78
N ARG B 28 5.09 -7.08 55.73
CA ARG B 28 5.35 -8.09 54.71
C ARG B 28 4.28 -9.21 54.71
N LYS B 29 3.88 -9.65 55.92
CA LYS B 29 2.87 -10.68 56.15
C LYS B 29 1.47 -10.19 55.71
N LYS B 30 1.24 -8.87 55.80
CA LYS B 30 0.02 -8.17 55.39
C LYS B 30 -0.03 -8.16 53.85
N LEU B 31 1.10 -7.85 53.19
CA LEU B 31 1.27 -7.85 51.73
C LEU B 31 1.19 -9.28 51.18
N GLU B 32 1.69 -10.27 51.93
CA GLU B 32 1.60 -11.67 51.55
C GLU B 32 0.14 -12.17 51.63
N GLN B 33 -0.66 -11.72 52.63
CA GLN B 33 -2.07 -12.09 52.72
C GLN B 33 -2.85 -11.34 51.65
N LEU B 34 -2.41 -10.10 51.32
CA LEU B 34 -3.07 -9.32 50.25
C LEU B 34 -2.85 -9.99 48.91
N TYR B 35 -1.63 -10.53 48.67
CA TYR B 35 -1.33 -11.26 47.43
C TYR B 35 -2.30 -12.43 47.26
N ASN B 36 -2.49 -13.23 48.33
CA ASN B 36 -3.36 -14.40 48.35
C ASN B 36 -4.81 -14.14 47.92
N ARG B 37 -5.21 -12.87 47.90
CA ARG B 37 -6.54 -12.42 47.50
C ARG B 37 -6.70 -12.38 45.98
N TYR B 38 -5.57 -12.31 45.24
CA TYR B 38 -5.58 -12.19 43.79
C TYR B 38 -4.99 -13.39 43.07
N LYS B 39 -4.09 -14.13 43.73
CA LYS B 39 -3.39 -15.28 43.15
C LYS B 39 -4.38 -16.29 42.50
N ASP B 40 -3.93 -16.94 41.42
CA ASP B 40 -4.66 -17.97 40.68
C ASP B 40 -4.90 -19.20 41.58
N PRO B 41 -6.14 -19.70 41.68
CA PRO B 41 -6.40 -20.89 42.51
C PRO B 41 -5.62 -22.12 42.08
N GLN B 42 -5.03 -22.09 40.86
CA GLN B 42 -4.29 -23.20 40.29
C GLN B 42 -2.78 -22.96 40.29
N ASP B 43 -2.33 -21.69 40.33
CA ASP B 43 -0.89 -21.40 40.36
C ASP B 43 -0.59 -20.28 41.34
N GLU B 44 0.03 -20.64 42.47
CA GLU B 44 0.45 -19.76 43.57
C GLU B 44 1.27 -18.57 43.12
N ASN B 45 2.11 -18.74 42.08
CA ASN B 45 3.06 -17.71 41.61
C ASN B 45 2.54 -16.84 40.44
N LYS B 46 1.23 -16.85 40.22
CA LYS B 46 0.58 -16.10 39.15
C LYS B 46 -0.74 -15.55 39.63
N ILE B 47 -1.08 -14.33 39.17
CA ILE B 47 -2.38 -13.68 39.36
C ILE B 47 -3.10 -13.90 38.05
N GLY B 48 -4.19 -14.67 38.11
CA GLY B 48 -5.02 -15.01 36.95
C GLY B 48 -5.87 -13.84 36.50
N ILE B 49 -6.68 -14.05 35.44
CA ILE B 49 -7.53 -13.01 34.88
C ILE B 49 -8.57 -12.57 35.94
N ASP B 50 -9.03 -13.50 36.79
CA ASP B 50 -9.97 -13.21 37.89
C ASP B 50 -9.36 -12.27 38.93
N GLY B 51 -8.08 -12.47 39.26
CA GLY B 51 -7.34 -11.66 40.22
C GLY B 51 -7.00 -10.28 39.70
N ILE B 52 -6.74 -10.17 38.37
CA ILE B 52 -6.47 -8.89 37.70
C ILE B 52 -7.75 -8.04 37.80
N GLN B 53 -8.91 -8.65 37.50
CA GLN B 53 -10.21 -8.01 37.58
C GLN B 53 -10.46 -7.58 39.03
N GLN B 54 -10.18 -8.47 40.01
CA GLN B 54 -10.36 -8.20 41.44
C GLN B 54 -9.53 -7.01 41.90
N PHE B 55 -8.23 -6.98 41.56
CA PHE B 55 -7.28 -5.90 41.86
C PHE B 55 -7.81 -4.54 41.36
N CYS B 56 -8.30 -4.48 40.09
CA CYS B 56 -8.87 -3.28 39.47
C CYS B 56 -10.11 -2.80 40.24
N ASP B 57 -11.02 -3.75 40.61
CA ASP B 57 -12.25 -3.46 41.37
C ASP B 57 -11.90 -2.89 42.74
N ASP B 58 -10.83 -3.40 43.36
CA ASP B 58 -10.37 -2.95 44.68
C ASP B 58 -9.83 -1.52 44.59
N LEU B 59 -9.21 -1.20 43.45
CA LEU B 59 -8.67 0.13 43.14
C LEU B 59 -9.76 1.07 42.58
N ALA B 60 -11.02 0.58 42.43
CA ALA B 60 -12.17 1.29 41.86
C ALA B 60 -11.84 1.80 40.44
N LEU B 61 -11.08 0.96 39.69
CA LEU B 61 -10.69 1.20 38.32
C LEU B 61 -11.40 0.26 37.39
N ASP B 62 -11.80 0.78 36.22
CA ASP B 62 -12.33 -0.05 35.16
C ASP B 62 -11.09 -0.67 34.46
N PRO B 63 -11.10 -1.97 34.08
CA PRO B 63 -9.90 -2.58 33.46
C PRO B 63 -9.42 -1.94 32.13
N ALA B 64 -10.26 -1.08 31.49
CA ALA B 64 -9.90 -0.41 30.24
C ALA B 64 -9.33 1.02 30.50
N SER B 65 -9.18 1.39 31.79
CA SER B 65 -8.61 2.67 32.20
C SER B 65 -7.13 2.73 31.89
N ILE B 66 -6.64 3.93 31.55
CA ILE B 66 -5.21 4.18 31.30
C ILE B 66 -4.45 4.04 32.63
N SER B 67 -5.16 4.23 33.79
CA SER B 67 -4.59 4.07 35.14
C SER B 67 -4.15 2.62 35.39
N VAL B 68 -4.88 1.63 34.80
CA VAL B 68 -4.51 0.22 34.88
C VAL B 68 -3.15 0.04 34.16
N LEU B 69 -2.98 0.71 33.01
CA LEU B 69 -1.74 0.62 32.24
C LEU B 69 -0.57 1.39 32.94
N ILE B 70 -0.89 2.49 33.64
CA ILE B 70 0.10 3.27 34.38
C ILE B 70 0.65 2.41 35.57
N ILE B 71 -0.24 1.63 36.25
CA ILE B 71 0.14 0.73 37.35
C ILE B 71 1.05 -0.36 36.77
N ALA B 72 0.66 -0.97 35.62
CA ALA B 72 1.43 -2.00 34.92
C ALA B 72 2.82 -1.53 34.60
N TRP B 73 2.93 -0.23 34.27
CA TRP B 73 4.17 0.46 33.95
C TRP B 73 5.04 0.59 35.19
N LYS B 74 4.46 1.06 36.30
CA LYS B 74 5.13 1.24 37.60
C LYS B 74 5.54 -0.10 38.22
N PHE B 75 4.74 -1.15 37.99
CA PHE B 75 4.98 -2.50 38.49
C PHE B 75 5.91 -3.29 37.56
N ARG B 76 6.42 -2.63 36.48
CA ARG B 76 7.32 -3.20 35.46
C ARG B 76 6.75 -4.53 34.92
N ALA B 77 5.41 -4.58 34.67
CA ALA B 77 4.73 -5.79 34.22
C ALA B 77 5.24 -6.23 32.82
N ALA B 78 5.61 -7.50 32.71
CA ALA B 78 6.19 -8.04 31.49
C ALA B 78 5.18 -8.10 30.32
N THR B 79 4.02 -8.77 30.51
CA THR B 79 3.07 -8.97 29.42
C THR B 79 1.66 -8.76 29.90
N GLN B 80 0.82 -8.22 29.00
CA GLN B 80 -0.61 -8.03 29.24
C GLN B 80 -1.29 -9.41 29.42
N CYS B 81 -2.38 -9.40 30.20
CA CYS B 81 -3.24 -10.52 30.60
C CYS B 81 -2.48 -11.51 31.51
N GLU B 82 -1.28 -11.09 31.98
CA GLU B 82 -0.41 -11.85 32.86
C GLU B 82 0.14 -10.93 33.96
N PHE B 83 0.33 -11.46 35.19
CA PHE B 83 0.80 -10.74 36.39
C PHE B 83 1.37 -11.74 37.38
N SER B 84 2.70 -11.84 37.46
CA SER B 84 3.39 -12.78 38.33
C SER B 84 3.36 -12.35 39.79
N LYS B 85 3.77 -13.25 40.70
CA LYS B 85 3.91 -13.01 42.13
C LYS B 85 4.98 -11.97 42.40
N GLN B 86 6.13 -12.08 41.74
CA GLN B 86 7.26 -11.18 41.96
C GLN B 86 6.94 -9.76 41.45
N GLU B 87 6.19 -9.62 40.33
CA GLU B 87 5.77 -8.32 39.80
C GLU B 87 4.90 -7.60 40.83
N PHE B 88 3.91 -8.33 41.42
CA PHE B 88 3.02 -7.81 42.45
C PHE B 88 3.82 -7.42 43.71
N MET B 89 4.58 -8.39 44.28
CA MET B 89 5.37 -8.21 45.51
C MET B 89 6.40 -7.10 45.41
N ASP B 90 7.20 -7.05 44.32
CA ASP B 90 8.24 -6.04 44.09
C ASP B 90 7.61 -4.67 43.78
N GLY B 91 6.52 -4.67 43.01
CA GLY B 91 5.78 -3.47 42.66
C GLY B 91 5.25 -2.74 43.88
N MET B 92 4.57 -3.48 44.78
CA MET B 92 4.00 -2.97 46.00
C MET B 92 5.09 -2.53 46.99
N THR B 93 6.15 -3.35 47.14
CA THR B 93 7.30 -3.06 48.00
C THR B 93 8.00 -1.77 47.56
N GLU B 94 8.25 -1.63 46.24
CA GLU B 94 8.91 -0.46 45.67
C GLU B 94 8.08 0.81 45.94
N LEU B 95 6.75 0.72 45.87
CA LEU B 95 5.88 1.87 46.10
C LEU B 95 5.56 2.06 47.58
N GLY B 96 6.05 1.14 48.43
CA GLY B 96 5.86 1.14 49.87
C GLY B 96 4.44 0.89 50.32
N CYS B 97 3.68 0.13 49.52
CA CYS B 97 2.28 -0.22 49.77
C CYS B 97 2.15 -1.63 50.30
N ASP B 98 1.34 -1.80 51.36
CA ASP B 98 1.00 -3.10 51.94
C ASP B 98 -0.53 -3.23 51.95
N SER B 99 -1.21 -2.23 51.38
CA SER B 99 -2.67 -2.19 51.26
C SER B 99 -3.10 -1.58 49.94
N ILE B 100 -4.37 -1.79 49.57
CA ILE B 100 -4.98 -1.21 48.38
C ILE B 100 -5.18 0.30 48.61
N GLU B 101 -5.61 0.73 49.85
CA GLU B 101 -5.82 2.14 50.20
C GLU B 101 -4.55 2.96 49.92
N LYS B 102 -3.37 2.41 50.29
CA LYS B 102 -2.06 3.01 50.05
C LYS B 102 -1.78 3.13 48.55
N LEU B 103 -2.04 2.04 47.77
CA LEU B 103 -1.81 2.00 46.32
C LEU B 103 -2.71 2.98 45.55
N LYS B 104 -3.98 3.11 45.97
CA LYS B 104 -4.94 4.03 45.36
C LYS B 104 -4.49 5.50 45.62
N ALA B 105 -3.80 5.77 46.75
CA ALA B 105 -3.31 7.11 47.10
C ALA B 105 -2.13 7.53 46.20
N GLN B 106 -1.43 6.54 45.60
CA GLN B 106 -0.27 6.73 44.73
C GLN B 106 -0.64 6.98 43.26
N ILE B 107 -1.86 6.65 42.82
CA ILE B 107 -2.24 6.82 41.40
C ILE B 107 -2.11 8.31 41.00
N PRO B 108 -2.66 9.32 41.74
CA PRO B 108 -2.48 10.73 41.32
C PRO B 108 -1.01 11.14 41.08
N LYS B 109 -0.09 10.65 41.92
CA LYS B 109 1.35 10.88 41.89
C LYS B 109 1.97 10.30 40.60
N MET B 110 1.48 9.11 40.17
CA MET B 110 1.94 8.44 38.96
C MET B 110 1.47 9.23 37.75
N GLU B 111 0.21 9.75 37.78
CA GLU B 111 -0.36 10.58 36.72
C GLU B 111 0.44 11.88 36.59
N GLN B 112 0.84 12.45 37.74
CA GLN B 112 1.65 13.67 37.85
C GLN B 112 3.05 13.46 37.22
N GLU B 113 3.66 12.29 37.47
CA GLU B 113 4.98 11.87 36.96
C GLU B 113 4.97 11.82 35.41
N LEU B 114 3.84 11.42 34.80
CA LEU B 114 3.67 11.33 33.36
C LEU B 114 3.53 12.69 32.70
N LYS B 115 3.51 13.79 33.50
CA LYS B 115 3.39 15.14 32.92
C LYS B 115 4.75 15.55 32.29
N GLU B 116 5.87 14.92 32.74
CA GLU B 116 7.23 15.08 32.19
C GLU B 116 7.34 14.25 30.89
N PRO B 117 7.73 14.89 29.75
CA PRO B 117 7.81 14.14 28.47
C PRO B 117 8.77 12.94 28.47
N GLY B 118 9.87 13.00 29.25
CA GLY B 118 10.86 11.94 29.40
C GLY B 118 10.25 10.70 30.02
N ARG B 119 9.36 10.92 31.00
CA ARG B 119 8.63 9.89 31.74
C ARG B 119 7.49 9.34 30.91
N PHE B 120 6.79 10.22 30.14
CA PHE B 120 5.73 9.77 29.24
C PHE B 120 6.36 8.92 28.14
N LYS B 121 7.55 9.31 27.64
CA LYS B 121 8.31 8.54 26.63
C LYS B 121 8.60 7.13 27.16
N ASP B 122 9.03 7.00 28.43
CA ASP B 122 9.31 5.72 29.08
C ASP B 122 8.02 4.87 29.14
N PHE B 123 6.91 5.46 29.60
CA PHE B 123 5.59 4.82 29.69
C PHE B 123 5.10 4.36 28.30
N TYR B 124 5.19 5.26 27.27
CA TYR B 124 4.79 5.00 25.88
C TYR B 124 5.60 3.81 25.28
N GLN B 125 6.92 3.80 25.50
CA GLN B 125 7.79 2.74 25.01
C GLN B 125 7.57 1.43 25.78
N PHE B 126 7.20 1.50 27.08
CA PHE B 126 6.91 0.33 27.91
C PHE B 126 5.72 -0.42 27.33
N THR B 127 4.66 0.33 26.90
CA THR B 127 3.37 -0.11 26.33
C THR B 127 3.58 -1.06 25.16
N PHE B 128 4.55 -0.79 24.26
CA PHE B 128 4.81 -1.70 23.15
C PHE B 128 5.18 -3.09 23.70
N ASN B 129 6.17 -3.10 24.61
CA ASN B 129 6.73 -4.30 25.23
C ASN B 129 5.68 -5.09 26.02
N PHE B 130 4.78 -4.40 26.72
CA PHE B 130 3.71 -4.98 27.52
C PHE B 130 2.59 -5.60 26.61
N ALA B 131 2.16 -4.84 25.59
CA ALA B 131 1.09 -5.22 24.66
C ALA B 131 1.43 -6.43 23.77
N LYS B 132 2.65 -6.52 23.20
CA LYS B 132 3.03 -7.64 22.31
C LYS B 132 3.18 -8.99 23.00
N ASN B 133 3.04 -10.07 22.21
CA ASN B 133 3.16 -11.46 22.65
C ASN B 133 4.63 -11.85 22.82
N PRO B 134 4.99 -12.50 23.95
CA PRO B 134 6.39 -12.93 24.16
C PRO B 134 6.90 -13.82 23.02
N GLY B 135 8.13 -13.58 22.61
CA GLY B 135 8.75 -14.31 21.52
C GLY B 135 8.74 -13.53 20.23
N GLN B 136 7.55 -12.95 19.88
CA GLN B 136 7.34 -12.12 18.69
C GLN B 136 8.16 -10.83 18.82
N LYS B 137 8.76 -10.34 17.71
CA LYS B 137 9.57 -9.11 17.78
C LYS B 137 8.69 -7.83 17.70
N GLY B 138 7.60 -7.89 16.90
CA GLY B 138 6.66 -6.80 16.66
C GLY B 138 5.31 -7.00 17.31
N LEU B 139 4.49 -5.94 17.29
CA LEU B 139 3.14 -5.83 17.84
C LEU B 139 2.13 -5.96 16.70
N ASP B 140 1.15 -6.90 16.81
CA ASP B 140 0.09 -7.11 15.81
C ASP B 140 -0.65 -5.80 15.61
N LEU B 141 -0.93 -5.45 14.34
CA LEU B 141 -1.48 -4.16 13.93
C LEU B 141 -2.71 -3.66 14.74
N GLU B 142 -3.79 -4.42 14.81
CA GLU B 142 -4.98 -3.97 15.53
C GLU B 142 -4.73 -3.83 17.03
N MET B 143 -3.72 -4.54 17.56
CA MET B 143 -3.35 -4.46 18.97
C MET B 143 -2.64 -3.14 19.23
N ALA B 144 -1.75 -2.74 18.32
CA ALA B 144 -1.02 -1.47 18.36
C ALA B 144 -2.01 -0.31 18.28
N ILE B 145 -3.00 -0.41 17.34
CA ILE B 145 -4.06 0.58 17.10
C ILE B 145 -4.90 0.78 18.37
N ALA B 146 -5.24 -0.31 19.07
CA ALA B 146 -6.00 -0.30 20.32
C ALA B 146 -5.22 0.40 21.42
N TYR B 147 -3.90 0.20 21.48
CA TYR B 147 -3.07 0.84 22.51
C TYR B 147 -2.76 2.29 22.16
N TRP B 148 -2.60 2.60 20.86
CA TRP B 148 -2.40 3.94 20.36
C TRP B 148 -3.60 4.80 20.66
N ASN B 149 -4.83 4.27 20.46
CA ASN B 149 -6.08 4.99 20.81
C ASN B 149 -6.16 5.36 22.30
N LEU B 150 -5.48 4.59 23.15
CA LEU B 150 -5.51 4.79 24.59
C LEU B 150 -4.42 5.75 25.04
N VAL B 151 -3.14 5.47 24.67
CA VAL B 151 -1.98 6.23 25.13
C VAL B 151 -1.71 7.51 24.29
N LEU B 152 -2.14 7.57 23.01
CA LEU B 152 -1.93 8.77 22.19
C LEU B 152 -3.20 9.65 22.13
N ASN B 153 -4.24 9.29 22.93
CA ASN B 153 -5.50 10.03 23.03
C ASN B 153 -5.22 11.46 23.50
N GLY B 154 -5.49 12.41 22.61
CA GLY B 154 -5.28 13.84 22.79
C GLY B 154 -3.86 14.31 22.54
N ARG B 155 -2.95 13.41 22.07
CA ARG B 155 -1.57 13.88 21.90
C ARG B 155 -0.93 13.51 20.54
N PHE B 156 -1.77 13.32 19.52
CA PHE B 156 -1.41 13.03 18.14
C PHE B 156 -2.57 13.49 17.24
N LYS B 157 -2.39 14.64 16.59
CA LYS B 157 -3.42 15.25 15.73
C LYS B 157 -3.77 14.41 14.52
N PHE B 158 -2.86 13.53 14.06
CA PHE B 158 -3.09 12.72 12.86
C PHE B 158 -3.48 11.25 13.20
N LEU B 159 -3.93 10.99 14.44
CA LEU B 159 -4.31 9.64 14.91
C LEU B 159 -5.37 8.98 14.01
N ASP B 160 -6.47 9.71 13.67
CA ASP B 160 -7.56 9.21 12.81
C ASP B 160 -7.04 8.77 11.46
N LEU B 161 -6.27 9.64 10.77
CA LEU B 161 -5.64 9.35 9.48
C LEU B 161 -4.65 8.18 9.57
N TRP B 162 -3.87 8.11 10.67
CA TRP B 162 -2.88 7.08 10.94
C TRP B 162 -3.52 5.67 10.96
N ASN B 163 -4.65 5.54 11.67
CA ASN B 163 -5.40 4.30 11.83
C ASN B 163 -6.11 3.92 10.51
N LYS B 164 -6.69 4.90 9.79
CA LYS B 164 -7.30 4.73 8.48
C LYS B 164 -6.26 4.11 7.56
N PHE B 165 -5.08 4.79 7.43
CA PHE B 165 -3.91 4.41 6.63
C PHE B 165 -3.49 2.96 6.86
N LEU B 166 -3.18 2.58 8.10
CA LEU B 166 -2.70 1.23 8.43
C LEU B 166 -3.66 0.10 8.02
N LEU B 167 -4.96 0.32 8.18
CA LEU B 167 -5.96 -0.71 7.89
C LEU B 167 -6.30 -0.80 6.40
N GLU B 168 -5.81 0.17 5.60
CA GLU B 168 -5.95 0.20 4.15
C GLU B 168 -4.87 -0.68 3.47
N HIS B 169 -3.87 -1.15 4.25
CA HIS B 169 -2.77 -1.95 3.73
C HIS B 169 -2.65 -3.30 4.46
N HIS B 170 -1.70 -4.18 4.01
CA HIS B 170 -1.40 -5.48 4.61
C HIS B 170 -1.11 -5.31 6.09
N LYS B 171 -1.89 -6.01 6.93
CA LYS B 171 -1.81 -5.92 8.40
C LYS B 171 -0.51 -6.61 8.94
N ARG B 172 0.66 -6.04 8.63
CA ARG B 172 1.94 -6.54 9.15
C ARG B 172 2.15 -5.95 10.54
N SER B 173 2.98 -6.61 11.35
CA SER B 173 3.23 -6.16 12.72
C SER B 173 4.02 -4.86 12.74
N ILE B 174 3.85 -4.09 13.82
CA ILE B 174 4.57 -2.86 14.05
C ILE B 174 5.94 -3.19 14.70
N PRO B 175 7.07 -2.84 14.03
CA PRO B 175 8.39 -3.01 14.67
C PRO B 175 8.57 -2.04 15.84
N LYS B 176 9.37 -2.43 16.86
CA LYS B 176 9.66 -1.60 18.04
C LYS B 176 10.07 -0.14 17.67
N ASP B 177 11.00 0.04 16.70
CA ASP B 177 11.52 1.36 16.29
C ASP B 177 10.45 2.22 15.63
N THR B 178 9.50 1.60 14.89
CA THR B 178 8.38 2.30 14.25
C THR B 178 7.42 2.78 15.38
N TRP B 179 7.14 1.93 16.38
CA TRP B 179 6.32 2.32 17.52
C TRP B 179 6.94 3.50 18.23
N ASN B 180 8.24 3.38 18.58
CA ASN B 180 8.96 4.39 19.34
C ASN B 180 8.99 5.76 18.61
N LEU B 181 9.35 5.78 17.30
CA LEU B 181 9.47 7.02 16.53
C LEU B 181 8.14 7.67 16.21
N LEU B 182 7.01 6.96 16.45
CA LEU B 182 5.70 7.59 16.22
C LEU B 182 5.45 8.67 17.28
N LEU B 183 6.02 8.51 18.50
CA LEU B 183 5.86 9.54 19.53
C LEU B 183 6.61 10.79 19.10
N ASP B 184 7.83 10.62 18.56
CA ASP B 184 8.67 11.72 18.04
C ASP B 184 7.92 12.44 16.90
N PHE B 185 7.31 11.67 15.97
CA PHE B 185 6.52 12.18 14.87
C PHE B 185 5.37 13.07 15.40
N SER B 186 4.57 12.50 16.32
CA SER B 186 3.43 13.14 17.00
C SER B 186 3.80 14.48 17.69
N THR B 187 5.01 14.60 18.26
CA THR B 187 5.47 15.82 18.96
C THR B 187 6.27 16.79 18.08
N MET B 188 6.67 16.37 16.87
CA MET B 188 7.44 17.24 15.99
C MET B 188 6.69 17.68 14.75
N ILE B 189 5.79 16.84 14.22
CA ILE B 189 5.11 17.13 12.95
C ILE B 189 4.24 18.42 13.01
N ALA B 190 4.34 19.22 11.93
CA ALA B 190 3.56 20.44 11.73
C ALA B 190 2.15 20.04 11.28
N ASP B 191 1.15 20.92 11.50
CA ASP B 191 -0.27 20.70 11.15
C ASP B 191 -0.49 20.38 9.64
N ASP B 192 0.38 20.90 8.75
CA ASP B 192 0.32 20.70 7.31
C ASP B 192 1.43 19.77 6.81
N MET B 193 2.20 19.18 7.76
CA MET B 193 3.30 18.23 7.55
C MET B 193 4.42 18.82 6.67
N SER B 194 4.55 20.15 6.62
CA SER B 194 5.55 20.85 5.80
C SER B 194 7.01 20.64 6.25
N ASN B 195 7.23 20.32 7.54
CA ASN B 195 8.54 20.14 8.14
C ASN B 195 9.12 18.68 8.07
N TYR B 196 8.43 17.75 7.40
CA TYR B 196 8.85 16.34 7.29
C TYR B 196 9.77 16.08 6.09
N ASP B 197 10.90 15.37 6.32
CA ASP B 197 11.82 14.98 5.23
C ASP B 197 11.66 13.47 4.99
N GLU B 198 10.98 13.10 3.87
CA GLU B 198 10.72 11.72 3.40
C GLU B 198 12.05 11.07 3.01
N GLU B 199 13.04 11.92 2.73
CA GLU B 199 14.42 11.55 2.48
C GLU B 199 15.14 11.95 3.77
N GLY B 200 14.95 11.08 4.76
CA GLY B 200 15.46 11.21 6.12
C GLY B 200 15.55 9.85 6.78
N ALA B 201 15.73 9.84 8.11
CA ALA B 201 15.91 8.60 8.90
C ALA B 201 14.62 8.16 9.64
N TRP B 202 13.45 8.60 9.13
CA TRP B 202 12.16 8.21 9.68
C TRP B 202 11.84 6.77 9.27
N PRO B 203 11.02 6.00 10.02
CA PRO B 203 10.72 4.63 9.56
C PRO B 203 9.92 4.66 8.24
N VAL B 204 10.14 3.63 7.43
CA VAL B 204 9.53 3.43 6.09
C VAL B 204 7.98 3.58 6.15
N LEU B 205 7.33 3.11 7.23
CA LEU B 205 5.87 3.21 7.40
C LEU B 205 5.37 4.68 7.61
N ILE B 206 6.11 5.50 8.37
CA ILE B 206 5.75 6.90 8.62
C ILE B 206 5.96 7.69 7.33
N ASP B 207 7.04 7.36 6.58
CA ASP B 207 7.34 7.92 5.26
C ASP B 207 6.13 7.73 4.32
N ASP B 208 5.58 6.49 4.28
CA ASP B 208 4.42 6.09 3.48
C ASP B 208 3.15 6.76 3.95
N PHE B 209 2.98 6.95 5.29
CA PHE B 209 1.85 7.64 5.89
C PHE B 209 1.81 9.14 5.47
N VAL B 210 2.96 9.81 5.40
CA VAL B 210 3.02 11.23 4.99
C VAL B 210 2.68 11.35 3.50
N GLU B 211 3.16 10.42 2.67
CA GLU B 211 2.88 10.30 1.23
C GLU B 211 1.36 10.17 0.99
N PHE B 212 0.66 9.46 1.89
CA PHE B 212 -0.79 9.22 1.88
C PHE B 212 -1.59 10.41 2.45
N ALA B 213 -1.15 10.95 3.60
CA ALA B 213 -1.84 12.01 4.33
C ALA B 213 -1.67 13.39 3.74
N ARG B 214 -0.45 13.76 3.29
CA ARG B 214 -0.19 15.09 2.70
C ARG B 214 -1.29 15.52 1.68
N PRO B 215 -1.56 14.77 0.57
CA PRO B 215 -2.64 15.18 -0.36
C PRO B 215 -4.04 15.25 0.26
N GLN B 216 -4.26 14.52 1.38
CA GLN B 216 -5.53 14.48 2.14
C GLN B 216 -5.74 15.77 2.97
N ILE B 217 -4.67 16.61 3.13
CA ILE B 217 -4.69 17.88 3.89
C ILE B 217 -3.77 18.90 3.21
N LEU C 26 -21.87 17.29 -34.19
CA LEU C 26 -20.45 17.64 -33.98
C LEU C 26 -20.17 19.05 -34.49
N ASP C 27 -19.56 19.88 -33.64
CA ASP C 27 -19.19 21.24 -34.00
C ASP C 27 -17.78 21.19 -34.62
N ARG C 28 -17.72 21.33 -35.95
CA ARG C 28 -16.47 21.32 -36.74
C ARG C 28 -15.57 22.51 -36.37
N LYS C 29 -16.16 23.70 -36.14
CA LYS C 29 -15.47 24.94 -35.75
C LYS C 29 -14.74 24.77 -34.40
N LYS C 30 -15.41 24.10 -33.43
CA LYS C 30 -14.93 23.77 -32.08
C LYS C 30 -13.76 22.80 -32.18
N LEU C 31 -13.83 21.86 -33.16
CA LEU C 31 -12.79 20.86 -33.43
C LEU C 31 -11.55 21.52 -34.07
N GLU C 32 -11.77 22.42 -35.05
CA GLU C 32 -10.71 23.17 -35.75
C GLU C 32 -9.94 24.04 -34.74
N GLN C 33 -10.66 24.68 -33.79
CA GLN C 33 -10.05 25.52 -32.76
C GLN C 33 -9.25 24.65 -31.77
N LEU C 34 -9.72 23.41 -31.49
CA LEU C 34 -9.07 22.44 -30.59
C LEU C 34 -7.75 21.95 -31.15
N TYR C 35 -7.67 21.80 -32.48
CA TYR C 35 -6.45 21.42 -33.18
C TYR C 35 -5.34 22.47 -32.96
N ASN C 36 -5.69 23.77 -33.02
CA ASN C 36 -4.76 24.91 -32.87
C ASN C 36 -3.95 24.84 -31.56
N ARG C 37 -4.57 24.30 -30.48
CA ARG C 37 -3.96 24.10 -29.16
C ARG C 37 -2.78 23.11 -29.22
N TYR C 38 -2.81 22.16 -30.19
CA TYR C 38 -1.81 21.10 -30.33
C TYR C 38 -0.90 21.25 -31.54
N LYS C 39 -1.33 21.96 -32.60
CA LYS C 39 -0.52 22.15 -33.82
C LYS C 39 0.86 22.71 -33.54
N ASP C 40 1.83 22.31 -34.37
CA ASP C 40 3.21 22.76 -34.31
C ASP C 40 3.26 24.24 -34.77
N PRO C 41 3.93 25.13 -34.01
CA PRO C 41 3.97 26.55 -34.42
C PRO C 41 4.74 26.79 -35.74
N GLN C 42 5.70 25.89 -36.04
CA GLN C 42 6.53 25.96 -37.25
C GLN C 42 5.84 25.29 -38.45
N ASP C 43 4.94 24.31 -38.19
CA ASP C 43 4.19 23.58 -39.22
C ASP C 43 2.73 23.36 -38.77
N GLU C 44 1.80 24.02 -39.47
CA GLU C 44 0.36 23.99 -39.18
C GLU C 44 -0.28 22.63 -39.53
N ASN C 45 0.38 21.76 -40.32
CA ASN C 45 -0.20 20.47 -40.73
C ASN C 45 0.31 19.28 -39.89
N LYS C 46 1.01 19.58 -38.78
CA LYS C 46 1.55 18.60 -37.86
C LYS C 46 1.31 19.02 -36.42
N ILE C 47 1.21 18.04 -35.54
CA ILE C 47 1.15 18.21 -34.09
C ILE C 47 2.54 17.74 -33.62
N GLY C 48 3.32 18.68 -33.09
CA GLY C 48 4.66 18.40 -32.61
C GLY C 48 4.68 17.54 -31.35
N ILE C 49 5.89 17.27 -30.85
CA ILE C 49 6.09 16.45 -29.66
C ILE C 49 5.45 17.16 -28.46
N ASP C 50 5.53 18.52 -28.44
CA ASP C 50 4.95 19.39 -27.42
C ASP C 50 3.43 19.31 -27.43
N GLY C 51 2.85 19.17 -28.63
CA GLY C 51 1.42 19.02 -28.86
C GLY C 51 0.91 17.67 -28.41
N ILE C 52 1.66 16.60 -28.75
CA ILE C 52 1.35 15.22 -28.36
C ILE C 52 1.29 15.13 -26.82
N GLN C 53 2.32 15.67 -26.12
CA GLN C 53 2.42 15.75 -24.66
C GLN C 53 1.20 16.46 -24.08
N GLN C 54 0.89 17.67 -24.60
CA GLN C 54 -0.25 18.50 -24.20
C GLN C 54 -1.56 17.68 -24.27
N PHE C 55 -1.76 16.94 -25.38
CA PHE C 55 -2.93 16.10 -25.66
C PHE C 55 -3.08 15.03 -24.57
N CYS C 56 -2.00 14.26 -24.28
CA CYS C 56 -1.96 13.24 -23.23
C CYS C 56 -2.27 13.89 -21.87
N ASP C 57 -1.66 15.08 -21.58
CA ASP C 57 -1.87 15.86 -20.34
C ASP C 57 -3.32 16.28 -20.19
N ASP C 58 -3.99 16.62 -21.30
CA ASP C 58 -5.39 17.04 -21.30
C ASP C 58 -6.32 15.87 -21.11
N LEU C 59 -5.91 14.67 -21.57
CA LEU C 59 -6.69 13.45 -21.40
C LEU C 59 -6.31 12.78 -20.08
N ALA C 60 -5.39 13.44 -19.32
CA ALA C 60 -4.83 13.00 -18.03
C ALA C 60 -4.29 11.55 -18.18
N LEU C 61 -3.43 11.39 -19.20
CA LEU C 61 -2.79 10.15 -19.60
C LEU C 61 -1.29 10.25 -19.53
N ASP C 62 -0.62 9.20 -19.02
CA ASP C 62 0.83 9.18 -19.03
C ASP C 62 1.22 8.72 -20.44
N PRO C 63 2.10 9.47 -21.12
CA PRO C 63 2.42 9.13 -22.53
C PRO C 63 2.84 7.67 -22.79
N ALA C 64 3.29 6.92 -21.75
CA ALA C 64 3.73 5.54 -21.86
C ALA C 64 2.56 4.53 -21.63
N SER C 65 1.34 5.03 -21.46
CA SER C 65 0.13 4.21 -21.27
C SER C 65 -0.28 3.52 -22.56
N ILE C 66 -0.77 2.28 -22.45
CA ILE C 66 -1.31 1.53 -23.60
C ILE C 66 -2.51 2.31 -24.20
N SER C 67 -3.20 3.14 -23.36
CA SER C 67 -4.30 4.01 -23.75
C SER C 67 -3.89 4.98 -24.87
N VAL C 68 -2.64 5.49 -24.80
CA VAL C 68 -2.07 6.41 -25.80
C VAL C 68 -1.90 5.63 -27.11
N LEU C 69 -1.49 4.35 -27.01
CA LEU C 69 -1.33 3.47 -28.17
C LEU C 69 -2.71 3.07 -28.76
N ILE C 70 -3.73 2.86 -27.90
CA ILE C 70 -5.11 2.55 -28.30
C ILE C 70 -5.71 3.78 -29.05
N ILE C 71 -5.41 5.02 -28.60
CA ILE C 71 -5.85 6.25 -29.27
C ILE C 71 -5.18 6.38 -30.66
N ALA C 72 -3.90 5.98 -30.78
CA ALA C 72 -3.16 5.99 -32.05
C ALA C 72 -3.79 5.02 -33.05
N TRP C 73 -4.26 3.87 -32.55
CA TRP C 73 -4.92 2.82 -33.35
C TRP C 73 -6.29 3.34 -33.92
N LYS C 74 -7.14 3.92 -33.07
CA LYS C 74 -8.42 4.49 -33.47
C LYS C 74 -8.21 5.65 -34.45
N PHE C 75 -7.15 6.46 -34.28
CA PHE C 75 -6.85 7.57 -35.20
C PHE C 75 -6.10 7.09 -36.45
N ARG C 76 -5.73 5.77 -36.51
CA ARG C 76 -4.98 5.13 -37.62
C ARG C 76 -3.69 5.92 -37.90
N ALA C 77 -3.02 6.41 -36.82
CA ALA C 77 -1.76 7.16 -36.89
C ALA C 77 -0.72 6.30 -37.61
N ALA C 78 -0.08 6.87 -38.62
CA ALA C 78 0.86 6.15 -39.45
C ALA C 78 2.17 5.75 -38.71
N THR C 79 2.80 6.68 -37.95
CA THR C 79 4.09 6.44 -37.27
C THR C 79 4.17 7.11 -35.90
N GLN C 80 4.86 6.43 -34.97
CA GLN C 80 5.16 6.95 -33.64
C GLN C 80 5.98 8.22 -33.74
N CYS C 81 5.70 9.19 -32.84
CA CYS C 81 6.31 10.50 -32.68
C CYS C 81 5.84 11.48 -33.80
N GLU C 82 4.90 11.03 -34.66
CA GLU C 82 4.27 11.84 -35.70
C GLU C 82 2.76 11.84 -35.52
N PHE C 83 2.11 12.99 -35.72
CA PHE C 83 0.68 13.16 -35.60
C PHE C 83 0.25 14.33 -36.50
N SER C 84 -0.38 14.04 -37.66
CA SER C 84 -0.76 15.04 -38.65
C SER C 84 -2.13 15.67 -38.41
N LYS C 85 -2.39 16.83 -39.05
CA LYS C 85 -3.67 17.57 -39.01
C LYS C 85 -4.79 16.62 -39.45
N GLN C 86 -4.60 15.95 -40.61
CA GLN C 86 -5.53 15.00 -41.21
C GLN C 86 -5.84 13.85 -40.24
N GLU C 87 -4.80 13.25 -39.61
CA GLU C 87 -4.97 12.16 -38.64
C GLU C 87 -5.83 12.61 -37.46
N PHE C 88 -5.52 13.80 -36.88
CA PHE C 88 -6.28 14.40 -35.76
C PHE C 88 -7.72 14.69 -36.18
N MET C 89 -7.90 15.44 -37.30
CA MET C 89 -9.20 15.85 -37.80
C MET C 89 -10.08 14.66 -38.15
N ASP C 90 -9.57 13.69 -38.95
CA ASP C 90 -10.38 12.53 -39.36
C ASP C 90 -10.70 11.63 -38.17
N GLY C 91 -9.69 11.38 -37.32
CA GLY C 91 -9.81 10.56 -36.11
C GLY C 91 -10.86 11.05 -35.13
N MET C 92 -10.85 12.37 -34.82
CA MET C 92 -11.84 13.00 -33.92
C MET C 92 -13.25 13.02 -34.55
N THR C 93 -13.35 13.21 -35.88
CA THR C 93 -14.59 13.23 -36.66
C THR C 93 -15.19 11.83 -36.64
N GLU C 94 -14.35 10.80 -36.87
CA GLU C 94 -14.72 9.39 -36.86
C GLU C 94 -15.38 8.99 -35.53
N LEU C 95 -14.83 9.47 -34.39
CA LEU C 95 -15.34 9.13 -33.06
C LEU C 95 -16.47 10.06 -32.59
N GLY C 96 -16.75 11.11 -33.35
CA GLY C 96 -17.79 12.08 -33.01
C GLY C 96 -17.41 12.99 -31.87
N CYS C 97 -16.10 13.32 -31.73
CA CYS C 97 -15.60 14.18 -30.66
C CYS C 97 -15.20 15.57 -31.16
N ASP C 98 -15.81 16.60 -30.57
CA ASP C 98 -15.48 17.99 -30.89
C ASP C 98 -14.73 18.62 -29.68
N SER C 99 -14.50 17.81 -28.62
CA SER C 99 -13.79 18.23 -27.39
C SER C 99 -12.99 17.07 -26.77
N ILE C 100 -12.09 17.41 -25.84
CA ILE C 100 -11.24 16.47 -25.09
C ILE C 100 -12.09 15.63 -24.09
N GLU C 101 -13.08 16.28 -23.39
CA GLU C 101 -13.96 15.62 -22.43
C GLU C 101 -14.75 14.51 -23.12
N LYS C 102 -15.17 14.77 -24.38
CA LYS C 102 -15.92 13.81 -25.21
C LYS C 102 -15.03 12.63 -25.59
N LEU C 103 -13.73 12.88 -25.87
CA LEU C 103 -12.75 11.84 -26.21
C LEU C 103 -12.36 11.01 -24.98
N LYS C 104 -12.24 11.65 -23.79
CA LYS C 104 -11.87 10.99 -22.53
C LYS C 104 -12.92 9.90 -22.15
N ALA C 105 -14.20 10.16 -22.45
CA ALA C 105 -15.33 9.26 -22.18
C ALA C 105 -15.32 8.04 -23.11
N GLN C 106 -14.67 8.19 -24.28
CA GLN C 106 -14.55 7.20 -25.34
C GLN C 106 -13.44 6.18 -25.04
N ILE C 107 -12.45 6.56 -24.19
CA ILE C 107 -11.28 5.72 -23.85
C ILE C 107 -11.74 4.39 -23.15
N PRO C 108 -12.62 4.37 -22.11
CA PRO C 108 -13.06 3.06 -21.55
C PRO C 108 -13.75 2.15 -22.58
N LYS C 109 -14.48 2.78 -23.55
CA LYS C 109 -15.18 2.10 -24.64
C LYS C 109 -14.17 1.47 -25.63
N MET C 110 -13.02 2.13 -25.88
CA MET C 110 -11.96 1.58 -26.76
C MET C 110 -11.27 0.35 -26.11
N GLU C 111 -11.12 0.37 -24.77
CA GLU C 111 -10.52 -0.70 -23.97
C GLU C 111 -11.44 -1.94 -23.99
N GLN C 112 -12.77 -1.72 -24.02
CA GLN C 112 -13.77 -2.79 -24.07
C GLN C 112 -13.74 -3.46 -25.45
N GLU C 113 -13.57 -2.65 -26.51
CA GLU C 113 -13.48 -3.11 -27.89
C GLU C 113 -12.36 -4.16 -28.03
N LEU C 114 -11.25 -3.93 -27.33
CA LEU C 114 -10.06 -4.78 -27.28
C LEU C 114 -10.27 -6.13 -26.57
N LYS C 115 -11.32 -6.24 -25.73
CA LYS C 115 -11.66 -7.48 -25.02
C LYS C 115 -12.10 -8.56 -26.03
N GLU C 116 -12.46 -8.13 -27.26
CA GLU C 116 -12.81 -8.99 -28.37
C GLU C 116 -11.56 -9.48 -29.09
N PRO C 117 -11.35 -10.79 -29.28
CA PRO C 117 -10.25 -11.21 -30.16
C PRO C 117 -10.67 -10.82 -31.60
N GLY C 118 -9.71 -10.45 -32.43
CA GLY C 118 -10.03 -9.95 -33.76
C GLY C 118 -9.82 -8.46 -33.71
N ARG C 119 -10.28 -7.83 -32.62
CA ARG C 119 -10.04 -6.42 -32.37
C ARG C 119 -8.64 -6.25 -31.79
N PHE C 120 -8.24 -7.14 -30.86
CA PHE C 120 -6.89 -7.13 -30.29
C PHE C 120 -5.88 -7.46 -31.39
N LYS C 121 -6.20 -8.43 -32.29
CA LYS C 121 -5.40 -8.84 -33.46
C LYS C 121 -5.13 -7.64 -34.38
N ASP C 122 -6.16 -6.84 -34.70
CA ASP C 122 -6.06 -5.65 -35.55
C ASP C 122 -5.12 -4.66 -34.90
N PHE C 123 -5.33 -4.39 -33.59
CA PHE C 123 -4.56 -3.48 -32.75
C PHE C 123 -3.10 -3.93 -32.67
N TYR C 124 -2.90 -5.23 -32.39
CA TYR C 124 -1.61 -5.88 -32.25
C TYR C 124 -0.80 -5.72 -33.54
N GLN C 125 -1.40 -6.02 -34.68
CA GLN C 125 -0.79 -5.93 -36.00
C GLN C 125 -0.54 -4.47 -36.42
N PHE C 126 -1.38 -3.52 -35.94
CA PHE C 126 -1.21 -2.07 -36.20
C PHE C 126 0.05 -1.57 -35.48
N THR C 127 0.29 -2.06 -34.25
CA THR C 127 1.42 -1.68 -33.38
C THR C 127 2.75 -1.80 -34.14
N PHE C 128 2.97 -2.91 -34.88
CA PHE C 128 4.20 -3.13 -35.66
C PHE C 128 4.41 -2.00 -36.68
N ASN C 129 3.38 -1.70 -37.47
CA ASN C 129 3.45 -0.69 -38.53
C ASN C 129 3.66 0.72 -37.97
N PHE C 130 3.10 0.99 -36.79
CA PHE C 130 3.20 2.28 -36.11
C PHE C 130 4.60 2.46 -35.48
N ALA C 131 5.11 1.38 -34.87
CA ALA C 131 6.39 1.36 -34.18
C ALA C 131 7.59 1.53 -35.12
N LYS C 132 7.58 0.85 -36.28
CA LYS C 132 8.68 0.84 -37.23
C LYS C 132 8.86 2.19 -37.93
N ASN C 133 10.06 2.41 -38.48
CA ASN C 133 10.40 3.63 -39.18
C ASN C 133 9.78 3.65 -40.56
N PRO C 134 9.33 4.83 -41.02
CA PRO C 134 8.75 4.90 -42.36
C PRO C 134 9.80 4.57 -43.41
N GLY C 135 9.41 3.76 -44.39
CA GLY C 135 10.31 3.35 -45.46
C GLY C 135 11.21 2.19 -45.10
N GLN C 136 10.91 1.55 -43.95
CA GLN C 136 11.62 0.37 -43.47
C GLN C 136 10.63 -0.78 -43.34
N LYS C 137 11.05 -1.97 -43.78
CA LYS C 137 10.25 -3.18 -43.85
C LYS C 137 10.06 -3.83 -42.47
N GLY C 138 11.14 -3.94 -41.70
CA GLY C 138 11.14 -4.57 -40.39
C GLY C 138 11.19 -3.61 -39.22
N LEU C 139 11.21 -4.18 -38.01
CA LEU C 139 11.22 -3.44 -36.75
C LEU C 139 12.45 -3.83 -35.92
N ASP C 140 13.31 -2.83 -35.54
CA ASP C 140 14.50 -3.07 -34.71
C ASP C 140 14.14 -3.85 -33.46
N LEU C 141 14.83 -4.95 -33.20
CA LEU C 141 14.56 -5.85 -32.08
C LEU C 141 14.22 -5.12 -30.73
N GLU C 142 15.05 -4.13 -30.30
CA GLU C 142 14.85 -3.38 -29.04
CA GLU C 142 14.84 -3.40 -29.04
C GLU C 142 13.50 -2.64 -29.04
N MET C 143 13.10 -2.09 -30.21
CA MET C 143 11.83 -1.40 -30.41
C MET C 143 10.66 -2.36 -30.29
N ALA C 144 10.78 -3.56 -30.92
CA ALA C 144 9.78 -4.63 -30.87
C ALA C 144 9.60 -5.10 -29.45
N ILE C 145 10.71 -5.27 -28.68
CA ILE C 145 10.66 -5.71 -27.27
C ILE C 145 9.86 -4.69 -26.43
N ALA C 146 10.14 -3.39 -26.62
CA ALA C 146 9.50 -2.30 -25.91
C ALA C 146 7.99 -2.39 -26.09
N TYR C 147 7.53 -2.54 -27.37
CA TYR C 147 6.12 -2.61 -27.70
C TYR C 147 5.48 -3.95 -27.31
N TRP C 148 6.21 -5.09 -27.41
CA TRP C 148 5.75 -6.41 -26.93
C TRP C 148 5.51 -6.40 -25.40
N ASN C 149 6.41 -5.74 -24.64
CA ASN C 149 6.27 -5.65 -23.19
C ASN C 149 5.00 -4.89 -22.77
N LEU C 150 4.57 -3.95 -23.60
CA LEU C 150 3.38 -3.12 -23.37
C LEU C 150 2.11 -3.87 -23.80
N VAL C 151 2.03 -4.32 -25.05
CA VAL C 151 0.84 -4.93 -25.64
C VAL C 151 0.69 -6.41 -25.32
N LEU C 152 1.77 -7.12 -24.93
CA LEU C 152 1.58 -8.54 -24.60
C LEU C 152 1.52 -8.74 -23.08
N ASN C 153 1.44 -7.66 -22.32
CA ASN C 153 1.30 -7.66 -20.86
C ASN C 153 0.00 -8.36 -20.47
N GLY C 154 0.14 -9.41 -19.66
CA GLY C 154 -0.97 -10.25 -19.19
C GLY C 154 -1.63 -11.10 -20.26
N ARG C 155 -0.96 -11.31 -21.42
CA ARG C 155 -1.55 -12.13 -22.49
C ARG C 155 -0.51 -13.02 -23.19
N PHE C 156 0.64 -13.25 -22.54
CA PHE C 156 1.68 -14.11 -23.07
C PHE C 156 2.46 -14.69 -21.91
N LYS C 157 2.12 -15.93 -21.58
CA LYS C 157 2.67 -16.72 -20.49
C LYS C 157 4.23 -16.78 -20.47
N PHE C 158 4.86 -16.81 -21.67
CA PHE C 158 6.30 -16.97 -21.88
C PHE C 158 7.02 -15.70 -22.30
N LEU C 159 6.47 -14.51 -22.00
CA LEU C 159 7.09 -13.23 -22.38
C LEU C 159 8.47 -13.07 -21.75
N ASP C 160 8.62 -13.46 -20.47
CA ASP C 160 9.89 -13.40 -19.75
C ASP C 160 10.92 -14.27 -20.45
N LEU C 161 10.56 -15.53 -20.82
CA LEU C 161 11.47 -16.44 -21.53
C LEU C 161 11.77 -15.95 -22.96
N TRP C 162 10.76 -15.34 -23.61
CA TRP C 162 10.84 -14.74 -24.93
C TRP C 162 11.87 -13.64 -24.92
N ASN C 163 11.82 -12.77 -23.87
CA ASN C 163 12.74 -11.64 -23.67
C ASN C 163 14.14 -12.12 -23.35
N LYS C 164 14.27 -13.17 -22.53
CA LYS C 164 15.56 -13.81 -22.22
C LYS C 164 16.17 -14.35 -23.51
N PHE C 165 15.36 -15.08 -24.32
CA PHE C 165 15.78 -15.66 -25.60
C PHE C 165 16.33 -14.60 -26.57
N LEU C 166 15.65 -13.44 -26.69
CA LEU C 166 16.07 -12.36 -27.61
C LEU C 166 17.33 -11.60 -27.09
N LEU C 167 17.58 -11.67 -25.77
CA LEU C 167 18.76 -11.11 -25.11
C LEU C 167 20.00 -11.95 -25.46
N GLU C 168 19.81 -13.26 -25.72
CA GLU C 168 20.86 -14.21 -26.02
C GLU C 168 21.10 -14.42 -27.53
N HIS C 169 20.00 -14.54 -28.34
CA HIS C 169 20.01 -14.80 -29.79
C HIS C 169 20.78 -13.74 -30.60
N HIS C 170 20.70 -12.46 -30.17
CA HIS C 170 21.37 -11.29 -30.77
C HIS C 170 20.91 -11.01 -32.24
N LYS C 171 19.59 -11.12 -32.52
CA LYS C 171 18.98 -10.81 -33.83
C LYS C 171 18.90 -9.28 -33.96
N ARG C 172 18.73 -8.72 -35.16
CA ARG C 172 18.73 -7.24 -35.27
C ARG C 172 17.40 -6.61 -35.67
N SER C 173 16.58 -7.37 -36.46
CA SER C 173 15.33 -6.85 -37.00
C SER C 173 14.24 -7.93 -37.02
N ILE C 174 13.03 -7.53 -36.66
CA ILE C 174 11.88 -8.42 -36.61
C ILE C 174 10.99 -8.23 -37.86
N PRO C 175 10.78 -9.30 -38.65
CA PRO C 175 9.90 -9.18 -39.83
C PRO C 175 8.43 -9.18 -39.44
N LYS C 176 7.59 -8.50 -40.24
CA LYS C 176 6.13 -8.37 -40.04
C LYS C 176 5.47 -9.73 -39.74
N ASP C 177 5.86 -10.77 -40.48
CA ASP C 177 5.29 -12.11 -40.32
C ASP C 177 5.65 -12.74 -38.98
N THR C 178 6.88 -12.52 -38.48
CA THR C 178 7.33 -13.03 -37.19
C THR C 178 6.53 -12.32 -36.11
N TRP C 179 6.38 -10.97 -36.23
CA TRP C 179 5.58 -10.16 -35.30
C TRP C 179 4.16 -10.71 -35.22
N ASN C 180 3.51 -10.83 -36.39
CA ASN C 180 2.13 -11.27 -36.56
C ASN C 180 1.86 -12.67 -35.99
N LEU C 181 2.73 -13.66 -36.29
CA LEU C 181 2.58 -15.03 -35.83
C LEU C 181 2.91 -15.22 -34.32
N LEU C 182 3.54 -14.21 -33.65
CA LEU C 182 3.80 -14.35 -32.22
C LEU C 182 2.46 -14.30 -31.46
N LEU C 183 1.44 -13.56 -31.98
CA LEU C 183 0.13 -13.49 -31.32
C LEU C 183 -0.56 -14.86 -31.44
N ASP C 184 -0.48 -15.48 -32.63
CA ASP C 184 -1.02 -16.81 -32.91
C ASP C 184 -0.40 -17.85 -31.97
N PHE C 185 0.94 -17.77 -31.79
CA PHE C 185 1.72 -18.63 -30.91
C PHE C 185 1.20 -18.51 -29.47
N SER C 186 1.22 -17.28 -28.89
CA SER C 186 0.78 -17.01 -27.51
C SER C 186 -0.63 -17.55 -27.18
N THR C 187 -1.59 -17.47 -28.12
CA THR C 187 -2.99 -17.90 -27.92
C THR C 187 -3.21 -19.41 -28.09
N MET C 188 -2.25 -20.14 -28.69
CA MET C 188 -2.40 -21.57 -28.93
C MET C 188 -1.45 -22.44 -28.10
N ILE C 189 -0.26 -21.91 -27.74
CA ILE C 189 0.80 -22.64 -27.05
C ILE C 189 0.37 -23.06 -25.61
N ALA C 190 0.66 -24.33 -25.27
CA ALA C 190 0.39 -24.94 -23.97
C ALA C 190 1.48 -24.53 -22.96
N ASP C 191 1.22 -24.75 -21.65
CA ASP C 191 2.10 -24.41 -20.52
C ASP C 191 3.46 -25.11 -20.61
N ASP C 192 3.49 -26.33 -21.20
CA ASP C 192 4.68 -27.17 -21.37
C ASP C 192 5.21 -27.17 -22.83
N MET C 193 4.62 -26.34 -23.72
CA MET C 193 4.96 -26.21 -25.15
C MET C 193 4.91 -27.57 -25.85
N SER C 194 4.03 -28.49 -25.37
CA SER C 194 3.95 -29.83 -25.92
C SER C 194 3.16 -29.85 -27.23
N ASN C 195 2.24 -28.88 -27.42
CA ASN C 195 1.42 -28.87 -28.63
C ASN C 195 2.04 -28.10 -29.82
N TYR C 196 3.30 -27.61 -29.69
CA TYR C 196 3.99 -26.90 -30.77
C TYR C 196 4.32 -27.82 -31.95
N ASP C 197 3.89 -27.40 -33.17
CA ASP C 197 4.11 -28.13 -34.40
C ASP C 197 5.38 -27.63 -35.09
N GLU C 198 6.46 -28.42 -34.97
CA GLU C 198 7.79 -28.13 -35.54
C GLU C 198 7.77 -28.09 -37.08
N GLU C 199 6.72 -28.68 -37.71
CA GLU C 199 6.48 -28.68 -39.16
C GLU C 199 5.24 -27.79 -39.50
N GLY C 200 5.01 -26.77 -38.68
CA GLY C 200 3.86 -25.88 -38.81
C GLY C 200 4.09 -24.58 -39.55
N ALA C 201 5.24 -24.46 -40.29
CA ALA C 201 5.65 -23.30 -41.09
C ALA C 201 5.73 -22.00 -40.22
N TRP C 202 6.15 -22.18 -38.96
CA TRP C 202 6.35 -21.08 -38.03
C TRP C 202 7.60 -20.31 -38.41
N PRO C 203 7.74 -19.04 -37.99
CA PRO C 203 9.02 -18.35 -38.24
C PRO C 203 10.16 -19.09 -37.51
N VAL C 204 11.37 -19.08 -38.10
CA VAL C 204 12.57 -19.76 -37.57
C VAL C 204 12.82 -19.32 -36.11
N LEU C 205 12.61 -18.02 -35.83
CA LEU C 205 12.79 -17.42 -34.51
C LEU C 205 11.87 -18.08 -33.44
N ILE C 206 10.62 -18.45 -33.81
CA ILE C 206 9.67 -19.10 -32.91
C ILE C 206 10.13 -20.58 -32.73
N ASP C 207 10.61 -21.24 -33.81
CA ASP C 207 11.19 -22.59 -33.70
C ASP C 207 12.40 -22.61 -32.74
N ASP C 208 13.31 -21.62 -32.90
CA ASP C 208 14.52 -21.49 -32.11
C ASP C 208 14.21 -21.18 -30.63
N PHE C 209 13.09 -20.49 -30.39
CA PHE C 209 12.64 -20.14 -29.05
C PHE C 209 12.09 -21.38 -28.34
N VAL C 210 11.26 -22.17 -29.02
CA VAL C 210 10.65 -23.38 -28.45
C VAL C 210 11.77 -24.36 -28.10
N GLU C 211 12.82 -24.46 -28.95
CA GLU C 211 14.01 -25.26 -28.70
C GLU C 211 14.73 -24.77 -27.44
N PHE C 212 14.93 -23.44 -27.33
CA PHE C 212 15.59 -22.76 -26.21
C PHE C 212 14.84 -22.92 -24.86
N ALA C 213 13.52 -22.63 -24.88
CA ALA C 213 12.62 -22.52 -23.73
C ALA C 213 12.19 -23.84 -23.11
N ARG C 214 11.92 -24.90 -23.94
CA ARG C 214 11.50 -26.24 -23.47
C ARG C 214 12.41 -26.79 -22.31
N PRO C 215 13.77 -26.79 -22.39
CA PRO C 215 14.57 -27.25 -21.22
C PRO C 215 14.38 -26.42 -19.94
N GLN C 216 13.99 -25.13 -20.10
CA GLN C 216 13.82 -24.18 -19.00
C GLN C 216 12.40 -24.20 -18.37
N ILE C 217 11.57 -25.19 -18.74
CA ILE C 217 10.20 -25.38 -18.20
C ILE C 217 9.91 -26.87 -18.11
N LEU D 26 -25.58 -29.43 6.46
CA LEU D 26 -24.73 -29.22 7.63
C LEU D 26 -24.57 -30.53 8.41
N ASP D 27 -23.31 -30.94 8.66
CA ASP D 27 -22.99 -32.14 9.43
C ASP D 27 -22.97 -31.74 10.92
N ARG D 28 -24.00 -32.18 11.68
CA ARG D 28 -24.15 -31.88 13.12
C ARG D 28 -23.01 -32.49 13.94
N LYS D 29 -22.63 -33.75 13.61
CA LYS D 29 -21.56 -34.52 14.27
C LYS D 29 -20.19 -33.81 14.11
N LYS D 30 -19.89 -33.27 12.90
CA LYS D 30 -18.66 -32.56 12.57
C LYS D 30 -18.59 -31.20 13.32
N LEU D 31 -19.76 -30.66 13.73
CA LEU D 31 -19.86 -29.40 14.47
C LEU D 31 -19.56 -29.61 15.97
N GLU D 32 -20.05 -30.74 16.54
CA GLU D 32 -19.80 -31.10 17.94
C GLU D 32 -18.30 -31.42 18.12
N GLN D 33 -17.67 -32.04 17.11
CA GLN D 33 -16.24 -32.38 17.07
C GLN D 33 -15.37 -31.12 17.01
N LEU D 34 -15.91 -30.04 16.44
CA LEU D 34 -15.27 -28.73 16.31
C LEU D 34 -15.43 -27.97 17.61
N TYR D 35 -16.60 -28.14 18.28
CA TYR D 35 -16.88 -27.51 19.56
C TYR D 35 -15.88 -28.00 20.63
N ASN D 36 -15.64 -29.34 20.66
CA ASN D 36 -14.72 -30.00 21.58
C ASN D 36 -13.34 -29.33 21.60
N ARG D 37 -12.85 -28.91 20.41
CA ARG D 37 -11.58 -28.21 20.24
C ARG D 37 -11.50 -26.92 21.07
N TYR D 38 -12.65 -26.21 21.26
CA TYR D 38 -12.71 -24.91 21.93
C TYR D 38 -13.27 -24.89 23.36
N LYS D 39 -14.10 -25.88 23.73
CA LYS D 39 -14.68 -25.96 25.07
C LYS D 39 -13.62 -25.98 26.18
N ASP D 40 -13.98 -25.40 27.33
CA ASP D 40 -13.14 -25.37 28.52
C ASP D 40 -12.97 -26.82 29.05
N PRO D 41 -11.75 -27.28 29.43
CA PRO D 41 -11.62 -28.66 29.93
C PRO D 41 -12.33 -28.89 31.28
N GLN D 42 -12.61 -27.80 32.02
CA GLN D 42 -13.27 -27.83 33.34
C GLN D 42 -14.81 -27.70 33.20
N ASP D 43 -15.30 -26.93 32.21
CA ASP D 43 -16.72 -26.72 31.93
C ASP D 43 -17.03 -27.06 30.46
N GLU D 44 -17.87 -28.07 30.24
CA GLU D 44 -18.26 -28.56 28.91
C GLU D 44 -19.28 -27.63 28.22
N ASN D 45 -20.02 -26.83 29.01
CA ASN D 45 -21.08 -25.93 28.52
C ASN D 45 -20.55 -24.52 28.27
N LYS D 46 -19.23 -24.34 28.29
CA LYS D 46 -18.56 -23.05 28.08
C LYS D 46 -17.30 -23.21 27.24
N ILE D 47 -16.90 -22.13 26.58
CA ILE D 47 -15.65 -21.96 25.83
C ILE D 47 -14.84 -20.95 26.65
N GLY D 48 -13.66 -21.37 27.13
CA GLY D 48 -12.80 -20.53 27.95
C GLY D 48 -12.06 -19.46 27.18
N ILE D 49 -11.16 -18.73 27.86
CA ILE D 49 -10.31 -17.69 27.26
C ILE D 49 -9.40 -18.37 26.25
N ASP D 50 -8.80 -19.51 26.65
CA ASP D 50 -7.92 -20.30 25.80
C ASP D 50 -8.66 -20.77 24.54
N GLY D 51 -9.94 -21.10 24.69
CA GLY D 51 -10.82 -21.51 23.60
C GLY D 51 -11.15 -20.39 22.63
N ILE D 52 -11.53 -19.20 23.17
CA ILE D 52 -11.86 -17.99 22.39
C ILE D 52 -10.63 -17.64 21.55
N GLN D 53 -9.43 -17.61 22.19
CA GLN D 53 -8.15 -17.32 21.54
C GLN D 53 -7.88 -18.28 20.37
N GLN D 54 -8.04 -19.61 20.59
CA GLN D 54 -7.84 -20.63 19.56
C GLN D 54 -8.80 -20.42 18.38
N PHE D 55 -10.07 -20.08 18.65
CA PHE D 55 -11.08 -19.79 17.65
C PHE D 55 -10.64 -18.62 16.75
N CYS D 56 -10.19 -17.48 17.37
CA CYS D 56 -9.71 -16.31 16.65
C CYS D 56 -8.46 -16.66 15.84
N ASP D 57 -7.54 -17.48 16.41
CA ASP D 57 -6.32 -17.94 15.73
C ASP D 57 -6.66 -18.81 14.52
N ASP D 58 -7.66 -19.70 14.65
CA ASP D 58 -8.09 -20.57 13.57
C ASP D 58 -8.77 -19.79 12.43
N LEU D 59 -9.42 -18.66 12.77
CA LEU D 59 -10.07 -17.80 11.79
C LEU D 59 -9.07 -16.77 11.24
N ALA D 60 -7.84 -16.76 11.81
CA ALA D 60 -6.71 -15.87 11.49
C ALA D 60 -7.10 -14.41 11.67
N LEU D 61 -7.55 -14.10 12.88
CA LEU D 61 -7.95 -12.76 13.30
C LEU D 61 -7.13 -12.34 14.50
N ASP D 62 -6.72 -11.05 14.53
CA ASP D 62 -6.06 -10.50 15.70
C ASP D 62 -7.17 -10.30 16.74
N PRO D 63 -6.98 -10.69 18.03
CA PRO D 63 -8.06 -10.49 19.03
C PRO D 63 -8.56 -9.04 19.22
N ALA D 64 -7.81 -8.00 18.78
CA ALA D 64 -8.25 -6.61 18.96
C ALA D 64 -8.89 -6.02 17.66
N SER D 65 -9.24 -6.92 16.73
CA SER D 65 -9.82 -6.59 15.44
C SER D 65 -11.34 -6.45 15.53
N ILE D 66 -11.90 -5.52 14.77
CA ILE D 66 -13.36 -5.31 14.68
C ILE D 66 -14.05 -6.62 14.12
N SER D 67 -13.27 -7.47 13.41
CA SER D 67 -13.67 -8.74 12.83
C SER D 67 -14.14 -9.72 13.93
N VAL D 68 -13.39 -9.79 15.06
CA VAL D 68 -13.68 -10.60 16.24
C VAL D 68 -15.02 -10.14 16.86
N LEU D 69 -15.27 -8.81 16.87
CA LEU D 69 -16.49 -8.21 17.40
C LEU D 69 -17.68 -8.44 16.43
N ILE D 70 -17.39 -8.51 15.10
CA ILE D 70 -18.41 -8.75 14.07
C ILE D 70 -18.89 -10.20 14.20
N ILE D 71 -17.96 -11.13 14.58
CA ILE D 71 -18.22 -12.54 14.81
C ILE D 71 -19.10 -12.67 16.05
N ALA D 72 -18.78 -11.94 17.13
CA ALA D 72 -19.53 -11.95 18.39
C ALA D 72 -20.96 -11.54 18.13
N TRP D 73 -21.13 -10.54 17.27
CA TRP D 73 -22.42 -9.98 16.86
C TRP D 73 -23.26 -11.02 16.09
N LYS D 74 -22.64 -11.75 15.16
CA LYS D 74 -23.33 -12.78 14.37
C LYS D 74 -23.66 -14.02 15.23
N PHE D 75 -22.82 -14.32 16.24
CA PHE D 75 -23.05 -15.42 17.19
C PHE D 75 -24.01 -15.00 18.33
N ARG D 76 -24.46 -13.72 18.34
CA ARG D 76 -25.36 -13.11 19.32
C ARG D 76 -24.80 -13.29 20.74
N ALA D 77 -23.47 -13.23 20.88
CA ALA D 77 -22.72 -13.40 22.13
C ALA D 77 -23.22 -12.45 23.21
N ALA D 78 -23.63 -12.99 24.35
CA ALA D 78 -24.19 -12.18 25.44
C ALA D 78 -23.18 -11.19 26.02
N THR D 79 -21.99 -11.66 26.45
CA THR D 79 -21.03 -10.80 27.13
C THR D 79 -19.58 -11.16 26.73
N GLN D 80 -18.72 -10.12 26.67
CA GLN D 80 -17.29 -10.24 26.36
C GLN D 80 -16.56 -11.13 27.38
N CYS D 81 -15.53 -11.85 26.90
CA CYS D 81 -14.68 -12.82 27.60
C CYS D 81 -15.49 -14.08 28.02
N GLU D 82 -16.67 -14.28 27.39
CA GLU D 82 -17.57 -15.41 27.57
C GLU D 82 -18.12 -15.87 26.24
N PHE D 83 -18.25 -17.20 26.06
CA PHE D 83 -18.75 -17.85 24.85
C PHE D 83 -19.30 -19.21 25.28
N SER D 84 -20.63 -19.41 25.24
CA SER D 84 -21.27 -20.66 25.68
C SER D 84 -21.45 -21.71 24.56
N LYS D 85 -21.76 -22.95 24.94
CA LYS D 85 -22.04 -24.07 24.03
C LYS D 85 -23.26 -23.73 23.17
N GLN D 86 -24.33 -23.20 23.81
CA GLN D 86 -25.57 -22.77 23.14
C GLN D 86 -25.24 -21.65 22.11
N GLU D 87 -24.46 -20.60 22.50
CA GLU D 87 -24.03 -19.52 21.62
C GLU D 87 -23.22 -20.04 20.42
N PHE D 88 -22.25 -20.96 20.67
CA PHE D 88 -21.42 -21.58 19.63
C PHE D 88 -22.24 -22.43 18.67
N MET D 89 -23.04 -23.38 19.19
CA MET D 89 -23.81 -24.32 18.37
C MET D 89 -24.92 -23.64 17.58
N ASP D 90 -25.71 -22.72 18.19
CA ASP D 90 -26.81 -22.01 17.52
C ASP D 90 -26.31 -21.08 16.41
N GLY D 91 -25.22 -20.36 16.70
CA GLY D 91 -24.57 -19.43 15.78
C GLY D 91 -24.05 -20.11 14.53
N MET D 92 -23.35 -21.25 14.68
CA MET D 92 -22.80 -22.05 13.57
C MET D 92 -23.91 -22.67 12.72
N THR D 93 -25.00 -23.11 13.37
CA THR D 93 -26.19 -23.69 12.73
C THR D 93 -26.88 -22.62 11.89
N GLU D 94 -27.12 -21.43 12.49
CA GLU D 94 -27.76 -20.29 11.85
C GLU D 94 -26.96 -19.84 10.61
N LEU D 95 -25.63 -19.70 10.75
CA LEU D 95 -24.73 -19.26 9.68
C LEU D 95 -24.53 -20.35 8.61
N GLY D 96 -24.81 -21.60 8.95
CA GLY D 96 -24.68 -22.72 8.02
C GLY D 96 -23.26 -23.23 7.86
N CYS D 97 -22.47 -23.24 8.97
CA CYS D 97 -21.09 -23.70 8.97
C CYS D 97 -20.89 -24.85 9.94
N ASP D 98 -20.15 -25.88 9.49
CA ASP D 98 -19.77 -27.05 10.28
C ASP D 98 -18.24 -27.16 10.31
N SER D 99 -17.55 -26.16 9.71
CA SER D 99 -16.10 -26.07 9.63
C SER D 99 -15.63 -24.62 9.84
N ILE D 100 -14.33 -24.44 10.09
CA ILE D 100 -13.73 -23.12 10.27
C ILE D 100 -13.54 -22.45 8.89
N GLU D 101 -13.16 -23.21 7.82
CA GLU D 101 -12.97 -22.62 6.48
C GLU D 101 -14.32 -22.15 5.90
N LYS D 102 -15.45 -22.76 6.34
CA LYS D 102 -16.81 -22.37 5.94
C LYS D 102 -17.17 -21.03 6.59
N LEU D 103 -16.77 -20.85 7.87
CA LEU D 103 -17.02 -19.63 8.64
C LEU D 103 -16.13 -18.48 8.15
N LYS D 104 -14.84 -18.78 7.85
CA LYS D 104 -13.84 -17.83 7.36
C LYS D 104 -14.28 -17.19 6.03
N ALA D 105 -15.00 -17.96 5.19
CA ALA D 105 -15.52 -17.52 3.88
C ALA D 105 -16.71 -16.56 4.03
N GLN D 106 -17.37 -16.55 5.20
CA GLN D 106 -18.54 -15.72 5.45
C GLN D 106 -18.19 -14.36 6.09
N ILE D 107 -16.95 -14.19 6.62
CA ILE D 107 -16.47 -12.96 7.27
C ILE D 107 -16.48 -11.77 6.25
N PRO D 108 -16.00 -11.88 4.98
CA PRO D 108 -16.08 -10.71 4.07
C PRO D 108 -17.52 -10.20 3.86
N LYS D 109 -18.51 -11.12 3.81
CA LYS D 109 -19.95 -10.85 3.64
C LYS D 109 -20.49 -10.09 4.87
N MET D 110 -20.03 -10.50 6.07
CA MET D 110 -20.37 -9.89 7.36
C MET D 110 -19.88 -8.45 7.40
N GLU D 111 -18.62 -8.21 6.95
CA GLU D 111 -18.00 -6.88 6.88
C GLU D 111 -18.78 -5.95 5.92
N GLN D 112 -19.28 -6.52 4.80
CA GLN D 112 -20.04 -5.84 3.76
C GLN D 112 -21.43 -5.43 4.28
N GLU D 113 -22.05 -6.28 5.14
CA GLU D 113 -23.35 -6.08 5.77
C GLU D 113 -23.41 -4.74 6.51
N LEU D 114 -22.31 -4.39 7.19
CA LEU D 114 -22.14 -3.18 7.99
C LEU D 114 -22.09 -1.88 7.17
N LYS D 115 -21.96 -1.96 5.82
CA LYS D 115 -21.89 -0.79 4.95
C LYS D 115 -23.24 -0.08 4.85
N GLU D 116 -24.34 -0.78 5.21
CA GLU D 116 -25.68 -0.23 5.20
C GLU D 116 -26.16 0.12 6.63
N PRO D 117 -26.75 1.34 6.84
CA PRO D 117 -27.28 1.67 8.17
C PRO D 117 -28.47 0.77 8.51
N GLY D 118 -28.62 0.43 9.78
CA GLY D 118 -29.64 -0.51 10.20
C GLY D 118 -28.97 -1.79 10.58
N ARG D 119 -28.02 -2.23 9.73
CA ARG D 119 -27.17 -3.39 10.00
C ARG D 119 -26.05 -2.92 10.93
N PHE D 120 -25.53 -1.70 10.69
CA PHE D 120 -24.53 -1.10 11.55
C PHE D 120 -25.20 -0.70 12.87
N LYS D 121 -26.44 -0.13 12.82
CA LYS D 121 -27.23 0.27 13.99
C LYS D 121 -27.48 -0.93 14.91
N ASP D 122 -27.77 -2.13 14.36
CA ASP D 122 -27.98 -3.35 15.17
C ASP D 122 -26.66 -3.74 15.87
N PHE D 123 -25.55 -3.77 15.09
CA PHE D 123 -24.18 -4.10 15.54
C PHE D 123 -23.67 -3.12 16.62
N TYR D 124 -23.83 -1.80 16.40
CA TYR D 124 -23.39 -0.75 17.32
C TYR D 124 -24.14 -0.86 18.66
N GLN D 125 -25.44 -1.13 18.60
CA GLN D 125 -26.29 -1.26 19.76
C GLN D 125 -25.96 -2.54 20.51
N PHE D 126 -25.63 -3.64 19.77
CA PHE D 126 -25.22 -4.93 20.33
C PHE D 126 -23.94 -4.76 21.17
N THR D 127 -23.00 -3.91 20.69
CA THR D 127 -21.69 -3.67 21.32
C THR D 127 -21.85 -3.22 22.80
N PHE D 128 -22.79 -2.30 23.10
CA PHE D 128 -23.01 -1.85 24.46
C PHE D 128 -23.33 -3.03 25.38
N ASN D 129 -24.26 -3.90 24.94
CA ASN D 129 -24.73 -5.04 25.71
C ASN D 129 -23.64 -6.09 25.89
N PHE D 130 -22.84 -6.30 24.85
CA PHE D 130 -21.70 -7.22 24.84
C PHE D 130 -20.58 -6.73 25.78
N ALA D 131 -20.28 -5.43 25.73
CA ALA D 131 -19.18 -4.84 26.47
C ALA D 131 -19.39 -4.79 27.99
N LYS D 132 -20.64 -4.55 28.44
CA LYS D 132 -20.92 -4.36 29.87
C LYS D 132 -20.88 -5.66 30.67
N ASN D 133 -20.78 -5.50 32.00
CA ASN D 133 -20.75 -6.61 32.94
C ASN D 133 -22.16 -7.15 33.11
N PRO D 134 -22.36 -8.49 33.04
CA PRO D 134 -23.73 -9.01 33.20
C PRO D 134 -24.36 -8.60 34.53
N GLY D 135 -25.65 -8.29 34.49
CA GLY D 135 -26.39 -7.86 35.67
C GLY D 135 -26.12 -6.42 36.09
N GLN D 136 -25.48 -5.63 35.21
CA GLN D 136 -25.21 -4.21 35.44
C GLN D 136 -25.96 -3.44 34.38
N LYS D 137 -26.65 -2.38 34.78
CA LYS D 137 -27.51 -1.60 33.87
C LYS D 137 -26.67 -0.79 32.82
N GLY D 138 -25.64 -0.07 33.27
CA GLY D 138 -24.79 0.74 32.39
C GLY D 138 -23.42 0.19 32.02
N LEU D 139 -22.66 0.97 31.24
CA LEU D 139 -21.33 0.61 30.77
C LEU D 139 -20.27 1.60 31.27
N ASP D 140 -19.20 1.13 31.96
CA ASP D 140 -18.13 2.01 32.47
C ASP D 140 -17.55 2.90 31.36
N LEU D 141 -17.35 4.19 31.65
CA LEU D 141 -16.88 5.17 30.66
C LEU D 141 -15.63 4.70 29.82
N GLU D 142 -14.59 4.15 30.48
CA GLU D 142 -13.36 3.71 29.81
C GLU D 142 -13.59 2.56 28.84
N MET D 143 -14.50 1.64 29.21
CA MET D 143 -14.88 0.49 28.40
C MET D 143 -15.67 0.97 27.17
N ALA D 144 -16.52 2.01 27.34
CA ALA D 144 -17.31 2.63 26.27
C ALA D 144 -16.39 3.29 25.28
N ILE D 145 -15.39 4.07 25.79
CA ILE D 145 -14.37 4.75 24.98
C ILE D 145 -13.60 3.70 24.15
N ALA D 146 -13.11 2.63 24.77
CA ALA D 146 -12.37 1.54 24.11
C ALA D 146 -13.17 0.99 22.93
N TYR D 147 -14.47 0.65 23.15
CA TYR D 147 -15.31 0.11 22.09
C TYR D 147 -15.70 1.18 21.04
N TRP D 148 -15.91 2.45 21.46
CA TRP D 148 -16.21 3.60 20.58
C TRP D 148 -15.03 3.88 19.63
N ASN D 149 -13.79 3.79 20.14
CA ASN D 149 -12.58 4.01 19.32
C ASN D 149 -12.46 2.97 18.22
N LEU D 150 -13.09 1.82 18.43
CA LEU D 150 -13.05 0.72 17.50
C LEU D 150 -14.25 0.78 16.51
N VAL D 151 -15.50 0.86 17.04
CA VAL D 151 -16.70 0.78 16.21
C VAL D 151 -17.05 2.11 15.53
N LEU D 152 -16.65 3.26 16.11
CA LEU D 152 -16.98 4.56 15.51
C LEU D 152 -15.82 5.18 14.72
N ASN D 153 -14.72 4.42 14.52
CA ASN D 153 -13.56 4.87 13.74
C ASN D 153 -13.96 5.00 12.27
N GLY D 154 -13.72 6.20 11.72
CA GLY D 154 -14.08 6.55 10.35
C GLY D 154 -15.56 6.83 10.15
N ARG D 155 -16.37 6.88 11.24
CA ARG D 155 -17.82 7.10 11.20
C ARG D 155 -18.25 8.36 11.94
N PHE D 156 -17.52 8.72 13.00
CA PHE D 156 -17.85 9.88 13.81
C PHE D 156 -16.78 10.93 13.56
N LYS D 157 -17.17 12.03 12.89
CA LYS D 157 -16.27 13.14 12.55
C LYS D 157 -15.70 13.83 13.79
N PHE D 158 -16.44 13.80 14.92
CA PHE D 158 -16.05 14.44 16.18
C PHE D 158 -15.54 13.46 17.24
N LEU D 159 -15.04 12.28 16.84
CA LEU D 159 -14.56 11.28 17.80
C LEU D 159 -13.38 11.81 18.65
N ASP D 160 -12.49 12.62 18.05
CA ASP D 160 -11.35 13.22 18.74
C ASP D 160 -11.79 14.21 19.84
N LEU D 161 -12.77 15.08 19.56
CA LEU D 161 -13.30 16.04 20.51
C LEU D 161 -14.21 15.37 21.52
N TRP D 162 -14.86 14.28 21.12
CA TRP D 162 -15.71 13.49 22.00
C TRP D 162 -14.81 12.92 23.08
N ASN D 163 -13.70 12.30 22.68
CA ASN D 163 -12.67 11.74 23.57
C ASN D 163 -12.06 12.82 24.46
N LYS D 164 -11.76 14.02 23.91
CA LYS D 164 -11.23 15.15 24.67
C LYS D 164 -12.26 15.59 25.72
N PHE D 165 -13.55 15.66 25.35
CA PHE D 165 -14.63 16.01 26.26
C PHE D 165 -14.75 15.07 27.46
N LEU D 166 -14.65 13.75 27.21
CA LEU D 166 -14.77 12.71 28.25
C LEU D 166 -13.53 12.63 29.15
N LEU D 167 -12.37 13.10 28.65
CA LEU D 167 -11.15 13.18 29.46
C LEU D 167 -11.28 14.31 30.48
N GLU D 168 -11.86 15.43 30.02
CA GLU D 168 -12.03 16.67 30.76
C GLU D 168 -13.18 16.65 31.78
N HIS D 169 -14.26 15.92 31.50
CA HIS D 169 -15.47 15.94 32.32
C HIS D 169 -15.72 14.67 33.18
N HIS D 170 -14.99 13.57 32.90
CA HIS D 170 -14.99 12.26 33.58
C HIS D 170 -16.31 11.90 34.35
N LYS D 171 -17.17 11.12 33.69
CA LYS D 171 -18.41 10.54 34.21
C LYS D 171 -18.10 9.07 34.49
N ARG D 172 -18.79 8.41 35.43
CA ARG D 172 -18.40 7.01 35.73
C ARG D 172 -19.01 5.96 34.76
N SER D 173 -20.27 6.20 34.28
CA SER D 173 -20.99 5.25 33.45
C SER D 173 -21.79 5.87 32.35
N ILE D 174 -21.95 5.11 31.28
CA ILE D 174 -22.72 5.44 30.09
C ILE D 174 -24.02 4.61 30.04
N PRO D 175 -25.21 5.25 30.13
CA PRO D 175 -26.46 4.47 30.01
C PRO D 175 -26.72 4.01 28.57
N LYS D 176 -27.59 2.99 28.41
CA LYS D 176 -27.98 2.41 27.12
C LYS D 176 -28.50 3.48 26.17
N ASP D 177 -29.33 4.42 26.67
CA ASP D 177 -29.95 5.49 25.88
C ASP D 177 -28.91 6.49 25.39
N THR D 178 -27.87 6.80 26.20
CA THR D 178 -26.81 7.73 25.77
C THR D 178 -25.99 7.02 24.70
N TRP D 179 -25.57 5.76 24.95
CA TRP D 179 -24.78 4.99 23.98
C TRP D 179 -25.50 4.96 22.63
N ASN D 180 -26.78 4.50 22.62
CA ASN D 180 -27.61 4.40 21.41
C ASN D 180 -27.72 5.72 20.64
N LEU D 181 -28.15 6.83 21.30
CA LEU D 181 -28.33 8.15 20.67
C LEU D 181 -27.00 8.81 20.17
N LEU D 182 -25.81 8.28 20.52
CA LEU D 182 -24.56 8.85 19.99
C LEU D 182 -24.46 8.54 18.51
N LEU D 183 -24.99 7.38 18.07
CA LEU D 183 -24.99 7.02 16.66
C LEU D 183 -25.93 7.96 15.88
N ASP D 184 -27.13 8.23 16.45
CA ASP D 184 -28.13 9.14 15.88
C ASP D 184 -27.54 10.56 15.81
N PHE D 185 -26.80 10.98 16.86
CA PHE D 185 -26.13 12.28 16.86
C PHE D 185 -25.08 12.33 15.74
N SER D 186 -24.20 11.30 15.69
CA SER D 186 -23.11 11.10 14.73
C SER D 186 -23.55 11.18 13.26
N THR D 187 -24.76 10.65 12.94
CA THR D 187 -25.31 10.58 11.57
C THR D 187 -26.06 11.87 11.15
N MET D 188 -26.52 12.68 12.12
CA MET D 188 -27.29 13.91 11.83
C MET D 188 -26.53 15.23 12.10
N ILE D 189 -25.40 15.18 12.83
CA ILE D 189 -24.65 16.39 13.17
C ILE D 189 -23.89 16.96 11.94
N ALA D 190 -23.91 18.29 11.81
CA ALA D 190 -23.22 19.05 10.77
C ALA D 190 -21.77 19.26 11.18
N ASP D 191 -20.90 19.66 10.23
CA ASP D 191 -19.48 19.92 10.46
C ASP D 191 -19.25 21.11 11.44
N ASP D 192 -20.24 22.03 11.56
CA ASP D 192 -20.16 23.21 12.44
C ASP D 192 -21.11 23.10 13.66
N MET D 193 -21.79 21.92 13.80
CA MET D 193 -22.76 21.58 14.85
C MET D 193 -23.93 22.60 14.90
N SER D 194 -24.25 23.23 13.76
CA SER D 194 -25.27 24.27 13.66
C SER D 194 -26.70 23.74 13.75
N ASN D 195 -26.96 22.55 13.19
CA ASN D 195 -28.31 21.95 13.14
C ASN D 195 -28.67 21.16 14.43
N TYR D 196 -27.85 21.29 15.51
CA TYR D 196 -28.12 20.63 16.79
C TYR D 196 -29.30 21.31 17.49
N ASP D 197 -30.27 20.48 17.88
CA ASP D 197 -31.50 20.90 18.56
C ASP D 197 -31.36 20.70 20.09
N GLU D 198 -31.16 21.81 20.82
CA GLU D 198 -31.04 21.83 22.28
C GLU D 198 -32.38 21.43 22.91
N GLU D 199 -33.51 21.84 22.25
CA GLU D 199 -34.91 21.54 22.61
C GLU D 199 -35.25 20.05 22.34
N GLY D 200 -34.33 19.33 21.68
CA GLY D 200 -34.44 17.90 21.43
C GLY D 200 -34.15 17.20 22.73
N ALA D 201 -34.79 16.04 22.97
CA ALA D 201 -34.61 15.33 24.23
C ALA D 201 -33.29 14.50 24.23
N TRP D 202 -32.18 15.18 23.93
CA TRP D 202 -30.86 14.55 23.89
C TRP D 202 -30.35 14.27 25.29
N PRO D 203 -29.44 13.27 25.49
CA PRO D 203 -28.86 13.08 26.84
C PRO D 203 -28.09 14.34 27.25
N VAL D 204 -28.03 14.59 28.56
CA VAL D 204 -27.32 15.74 29.13
C VAL D 204 -25.87 15.76 28.60
N LEU D 205 -25.24 14.56 28.56
CA LEU D 205 -23.87 14.35 28.08
C LEU D 205 -23.66 14.90 26.65
N ILE D 206 -24.60 14.62 25.71
CA ILE D 206 -24.52 15.08 24.32
C ILE D 206 -24.77 16.61 24.28
N ASP D 207 -25.65 17.15 25.15
CA ASP D 207 -25.87 18.59 25.26
C ASP D 207 -24.60 19.30 25.74
N ASP D 208 -23.98 18.79 26.83
CA ASP D 208 -22.76 19.32 27.43
C ASP D 208 -21.56 19.22 26.49
N PHE D 209 -21.55 18.18 25.64
CA PHE D 209 -20.53 17.97 24.61
C PHE D 209 -20.61 19.08 23.56
N VAL D 210 -21.82 19.37 23.05
CA VAL D 210 -22.03 20.39 22.02
C VAL D 210 -21.57 21.78 22.54
N GLU D 211 -21.91 22.14 23.79
CA GLU D 211 -21.49 23.39 24.46
C GLU D 211 -19.96 23.50 24.59
N PHE D 212 -19.30 22.36 24.83
CA PHE D 212 -17.85 22.26 24.97
C PHE D 212 -17.10 22.38 23.62
N ALA D 213 -17.60 21.64 22.61
CA ALA D 213 -16.99 21.46 21.30
C ALA D 213 -17.26 22.57 20.30
N ARG D 214 -18.45 23.22 20.33
CA ARG D 214 -18.80 24.32 19.42
C ARG D 214 -17.71 25.42 19.36
N PRO D 215 -17.14 25.94 20.49
CA PRO D 215 -16.07 26.96 20.36
C PRO D 215 -14.72 26.42 19.82
N GLN D 216 -14.58 25.09 19.69
CA GLN D 216 -13.36 24.45 19.23
C GLN D 216 -13.41 24.02 17.74
N ILE D 217 -14.53 24.32 17.05
CA ILE D 217 -14.72 24.02 15.62
C ILE D 217 -15.34 25.24 14.92
#